data_3OIE
# 
_entry.id   3OIE 
# 
_audit_conform.dict_name       mmcif_pdbx.dic 
_audit_conform.dict_version    5.387 
_audit_conform.dict_location   http://mmcif.pdb.org/dictionaries/ascii/mmcif_pdbx.dic 
# 
loop_
_database_2.database_id 
_database_2.database_code 
_database_2.pdbx_database_accession 
_database_2.pdbx_DOI 
PDB   3OIE         pdb_00003oie 10.2210/pdb3oie/pdb 
NDB   NA0694       ?            ?                   
RCSB  RCSB061154   ?            ?                   
WWPDB D_1000061154 ?            ?                   
# 
loop_
_pdbx_audit_revision_history.ordinal 
_pdbx_audit_revision_history.data_content_type 
_pdbx_audit_revision_history.major_revision 
_pdbx_audit_revision_history.minor_revision 
_pdbx_audit_revision_history.revision_date 
1 'Structure model' 1 0 2011-01-19 
2 'Structure model' 1 1 2011-07-13 
3 'Structure model' 1 2 2024-02-21 
# 
_pdbx_audit_revision_details.ordinal             1 
_pdbx_audit_revision_details.revision_ordinal    1 
_pdbx_audit_revision_details.data_content_type   'Structure model' 
_pdbx_audit_revision_details.provider            repository 
_pdbx_audit_revision_details.type                'Initial release' 
_pdbx_audit_revision_details.description         ? 
_pdbx_audit_revision_details.details             ? 
# 
loop_
_pdbx_audit_revision_group.ordinal 
_pdbx_audit_revision_group.revision_ordinal 
_pdbx_audit_revision_group.data_content_type 
_pdbx_audit_revision_group.group 
1 2 'Structure model' 'Version format compliance' 
2 3 'Structure model' 'Data collection'           
3 3 'Structure model' 'Database references'       
4 3 'Structure model' 'Derived calculations'      
# 
loop_
_pdbx_audit_revision_category.ordinal 
_pdbx_audit_revision_category.revision_ordinal 
_pdbx_audit_revision_category.data_content_type 
_pdbx_audit_revision_category.category 
1 3 'Structure model' chem_comp_atom         
2 3 'Structure model' chem_comp_bond         
3 3 'Structure model' database_2             
4 3 'Structure model' pdbx_struct_conn_angle 
5 3 'Structure model' struct_conn            
6 3 'Structure model' struct_site            
# 
loop_
_pdbx_audit_revision_item.ordinal 
_pdbx_audit_revision_item.revision_ordinal 
_pdbx_audit_revision_item.data_content_type 
_pdbx_audit_revision_item.item 
1  3 'Structure model' '_database_2.pdbx_DOI'                        
2  3 'Structure model' '_database_2.pdbx_database_accession'         
3  3 'Structure model' '_pdbx_struct_conn_angle.ptnr1_auth_asym_id'  
4  3 'Structure model' '_pdbx_struct_conn_angle.ptnr1_auth_seq_id'   
5  3 'Structure model' '_pdbx_struct_conn_angle.ptnr1_label_asym_id' 
6  3 'Structure model' '_pdbx_struct_conn_angle.ptnr3_auth_asym_id'  
7  3 'Structure model' '_pdbx_struct_conn_angle.ptnr3_auth_seq_id'   
8  3 'Structure model' '_pdbx_struct_conn_angle.ptnr3_label_asym_id' 
9  3 'Structure model' '_pdbx_struct_conn_angle.value'               
10 3 'Structure model' '_struct_conn.pdbx_dist_value'                
11 3 'Structure model' '_struct_conn.ptnr2_auth_asym_id'             
12 3 'Structure model' '_struct_conn.ptnr2_auth_seq_id'              
13 3 'Structure model' '_struct_conn.ptnr2_label_asym_id'            
14 3 'Structure model' '_struct_site.pdbx_auth_asym_id'              
15 3 'Structure model' '_struct_site.pdbx_auth_comp_id'              
16 3 'Structure model' '_struct_site.pdbx_auth_seq_id'               
# 
_pdbx_database_status.entry_id                        3OIE 
_pdbx_database_status.status_code                     REL 
_pdbx_database_status.deposit_site                    RCSB 
_pdbx_database_status.process_site                    RCSB 
_pdbx_database_status.recvd_initial_deposition_date   2010-08-19 
_pdbx_database_status.status_code_sf                  REL 
_pdbx_database_status.status_code_mr                  ? 
_pdbx_database_status.SG_entry                        ? 
_pdbx_database_status.status_code_cs                  ? 
_pdbx_database_status.pdb_format_compatible           Y 
_pdbx_database_status.status_code_nmr_data            ? 
_pdbx_database_status.methods_development_category    ? 
# 
loop_
_audit_author.name 
_audit_author.pdbx_ordinal 
'Lin, S.'      1 
'Neidle, S.'   2 
'Campbell, N.' 3 
# 
_citation.id                        primary 
_citation.title                     'Crystal structure of the DB1880-D(CGCGAATTCGCG)2 complex' 
_citation.journal_abbrev            'To be Published' 
_citation.journal_volume            ? 
_citation.page_first                ? 
_citation.page_last                 ? 
_citation.year                      ? 
_citation.journal_id_ASTM           ? 
_citation.country                   ? 
_citation.journal_id_ISSN           ? 
_citation.journal_id_CSD            0353 
_citation.book_publisher            ? 
_citation.pdbx_database_id_PubMed   ? 
_citation.pdbx_database_id_DOI      ? 
# 
loop_
_citation_author.citation_id 
_citation_author.name 
_citation_author.ordinal 
_citation_author.identifier_ORCID 
primary 'Lin, S.'      1 ? 
primary 'Neidle, S.'   2 ? 
primary 'Campbell, N.' 3 ? 
# 
loop_
_entity.id 
_entity.type 
_entity.src_method 
_entity.pdbx_description 
_entity.formula_weight 
_entity.pdbx_number_of_molecules 
_entity.pdbx_ec 
_entity.pdbx_mutation 
_entity.pdbx_fragment 
_entity.details 
1 polymer     syn "5'-D(*CP*GP*CP*GP*AP*AP*TP*TP*CP*GP*CP*G)-3'"                                                  3663.392 2   ? ? 
? 'A2T2 Duplex' 
2 non-polymer syn 'MAGNESIUM ION'                                                                                 24.305   1   ? ? 
? ?             
3 non-polymer syn "N',N''-{furan-2,5-diylbis[3-(piperidin-4-yloxy)benzene-4,1-diyl]}dipyridine-2-carboximidamide" 656.776  1   ? ? 
? ?             
4 water       nat water                                                                                           18.015   136 ? ? 
? ?             
# 
_entity_poly.entity_id                      1 
_entity_poly.type                           polydeoxyribonucleotide 
_entity_poly.nstd_linkage                   no 
_entity_poly.nstd_monomer                   no 
_entity_poly.pdbx_seq_one_letter_code       '(DC)(DG)(DC)(DG)(DA)(DA)(DT)(DT)(DC)(DG)(DC)(DG)' 
_entity_poly.pdbx_seq_one_letter_code_can   CGCGAATTCGCG 
_entity_poly.pdbx_strand_id                 A,B 
_entity_poly.pdbx_target_identifier         ? 
# 
loop_
_pdbx_entity_nonpoly.entity_id 
_pdbx_entity_nonpoly.name 
_pdbx_entity_nonpoly.comp_id 
2 'MAGNESIUM ION'                                                                                 MG  
3 "N',N''-{furan-2,5-diylbis[3-(piperidin-4-yloxy)benzene-4,1-diyl]}dipyridine-2-carboximidamide" 881 
4 water                                                                                           HOH 
# 
loop_
_entity_poly_seq.entity_id 
_entity_poly_seq.num 
_entity_poly_seq.mon_id 
_entity_poly_seq.hetero 
1 1  DC n 
1 2  DG n 
1 3  DC n 
1 4  DG n 
1 5  DA n 
1 6  DA n 
1 7  DT n 
1 8  DT n 
1 9  DC n 
1 10 DG n 
1 11 DC n 
1 12 DG n 
# 
loop_
_chem_comp.id 
_chem_comp.type 
_chem_comp.mon_nstd_flag 
_chem_comp.name 
_chem_comp.pdbx_synonyms 
_chem_comp.formula 
_chem_comp.formula_weight 
881 non-polymer   . "N',N''-{furan-2,5-diylbis[3-(piperidin-4-yloxy)benzene-4,1-diyl]}dipyridine-2-carboximidamide" DB1880 
'C38 H40 N8 O3'   656.776 
DA  'DNA linking' y "2'-DEOXYADENOSINE-5'-MONOPHOSPHATE"                                                            ?      
'C10 H14 N5 O6 P' 331.222 
DC  'DNA linking' y "2'-DEOXYCYTIDINE-5'-MONOPHOSPHATE"                                                             ?      
'C9 H14 N3 O7 P'  307.197 
DG  'DNA linking' y "2'-DEOXYGUANOSINE-5'-MONOPHOSPHATE"                                                            ?      
'C10 H14 N5 O7 P' 347.221 
DT  'DNA linking' y "THYMIDINE-5'-MONOPHOSPHATE"                                                                    ?      
'C10 H15 N2 O8 P' 322.208 
HOH non-polymer   . WATER                                                                                           ?      'H2 O' 
18.015  
MG  non-polymer   . 'MAGNESIUM ION'                                                                                 ?      'Mg 2' 
24.305  
# 
loop_
_pdbx_poly_seq_scheme.asym_id 
_pdbx_poly_seq_scheme.entity_id 
_pdbx_poly_seq_scheme.seq_id 
_pdbx_poly_seq_scheme.mon_id 
_pdbx_poly_seq_scheme.ndb_seq_num 
_pdbx_poly_seq_scheme.pdb_seq_num 
_pdbx_poly_seq_scheme.auth_seq_num 
_pdbx_poly_seq_scheme.pdb_mon_id 
_pdbx_poly_seq_scheme.auth_mon_id 
_pdbx_poly_seq_scheme.pdb_strand_id 
_pdbx_poly_seq_scheme.pdb_ins_code 
_pdbx_poly_seq_scheme.hetero 
A 1 1  DC 1  1  1  DC DC A . n 
A 1 2  DG 2  2  2  DG DG A . n 
A 1 3  DC 3  3  3  DC DC A . n 
A 1 4  DG 4  4  4  DG DG A . n 
A 1 5  DA 5  5  5  DA DA A . n 
A 1 6  DA 6  6  6  DA DA A . n 
A 1 7  DT 7  7  7  DT DT A . n 
A 1 8  DT 8  8  8  DT DT A . n 
A 1 9  DC 9  9  9  DC DC A . n 
A 1 10 DG 10 10 10 DG DG A . n 
A 1 11 DC 11 11 11 DC DC A . n 
A 1 12 DG 12 12 12 DG DG A . n 
B 1 1  DC 1  13 13 DC DC B . n 
B 1 2  DG 2  14 14 DG DG B . n 
B 1 3  DC 3  15 15 DC DC B . n 
B 1 4  DG 4  16 16 DG DG B . n 
B 1 5  DA 5  17 17 DA DA B . n 
B 1 6  DA 6  18 18 DA DA B . n 
B 1 7  DT 7  19 19 DT DT B . n 
B 1 8  DT 8  20 20 DT DT B . n 
B 1 9  DC 9  21 21 DC DC B . n 
B 1 10 DG 10 22 22 DG DG B . n 
B 1 11 DC 11 23 23 DC DC B . n 
B 1 12 DG 12 24 24 DG DG B . n 
# 
loop_
_pdbx_nonpoly_scheme.asym_id 
_pdbx_nonpoly_scheme.entity_id 
_pdbx_nonpoly_scheme.mon_id 
_pdbx_nonpoly_scheme.ndb_seq_num 
_pdbx_nonpoly_scheme.pdb_seq_num 
_pdbx_nonpoly_scheme.auth_seq_num 
_pdbx_nonpoly_scheme.pdb_mon_id 
_pdbx_nonpoly_scheme.auth_mon_id 
_pdbx_nonpoly_scheme.pdb_strand_id 
_pdbx_nonpoly_scheme.pdb_ins_code 
C 2 MG  1  13  1   MG  MG  A . 
D 3 881 1  1   1   881 881 B . 
E 4 HOH 1  14  14  HOH HOH A . 
E 4 HOH 2  15  15  HOH HOH A . 
E 4 HOH 3  16  16  HOH HOH A . 
E 4 HOH 4  17  2   HOH HOH A . 
E 4 HOH 5  18  7   HOH HOH A . 
E 4 HOH 6  19  19  HOH HOH A . 
E 4 HOH 7  20  20  HOH HOH A . 
E 4 HOH 8  21  21  HOH HOH A . 
E 4 HOH 9  22  10  HOH HOH A . 
E 4 HOH 10 23  11  HOH HOH A . 
E 4 HOH 11 24  1   HOH HOH A . 
E 4 HOH 12 25  25  HOH HOH A . 
E 4 HOH 13 26  2   HOH HOH A . 
E 4 HOH 14 27  3   HOH HOH A . 
E 4 HOH 15 28  28  HOH HOH A . 
E 4 HOH 16 29  29  HOH HOH A . 
E 4 HOH 17 30  10  HOH HOH A . 
E 4 HOH 18 31  31  HOH HOH A . 
E 4 HOH 19 32  32  HOH HOH A . 
E 4 HOH 20 33  33  HOH HOH A . 
E 4 HOH 21 35  35  HOH HOH A . 
E 4 HOH 22 36  13  HOH HOH A . 
E 4 HOH 23 37  14  HOH HOH A . 
E 4 HOH 24 38  38  HOH HOH A . 
E 4 HOH 25 39  39  HOH HOH A . 
E 4 HOH 26 40  40  HOH HOH A . 
E 4 HOH 27 41  41  HOH HOH A . 
E 4 HOH 28 42  2   HOH HOH A . 
E 4 HOH 29 43  9   HOH HOH A . 
E 4 HOH 30 45  45  HOH HOH A . 
E 4 HOH 31 46  46  HOH HOH A . 
E 4 HOH 32 47  2   HOH HOH A . 
E 4 HOH 33 48  4   HOH HOH A . 
E 4 HOH 34 49  5   HOH HOH A . 
E 4 HOH 35 50  6   HOH HOH A . 
E 4 HOH 36 52  52  HOH HOH A . 
E 4 HOH 37 54  54  HOH HOH A . 
E 4 HOH 38 57  57  HOH HOH A . 
E 4 HOH 39 59  59  HOH HOH A . 
E 4 HOH 40 62  62  HOH HOH A . 
E 4 HOH 41 63  63  HOH HOH A . 
E 4 HOH 42 66  66  HOH HOH A . 
E 4 HOH 43 67  67  HOH HOH A . 
E 4 HOH 44 70  70  HOH HOH A . 
E 4 HOH 45 71  71  HOH HOH A . 
E 4 HOH 46 72  72  HOH HOH A . 
E 4 HOH 47 78  78  HOH HOH A . 
E 4 HOH 48 82  82  HOH HOH A . 
E 4 HOH 49 86  86  HOH HOH A . 
E 4 HOH 50 89  89  HOH HOH A . 
E 4 HOH 51 90  90  HOH HOH A . 
E 4 HOH 52 91  91  HOH HOH A . 
E 4 HOH 53 93  93  HOH HOH A . 
E 4 HOH 54 96  96  HOH HOH A . 
E 4 HOH 55 98  98  HOH HOH A . 
E 4 HOH 56 103 103 HOH HOH A . 
E 4 HOH 57 104 104 HOH HOH A . 
E 4 HOH 58 106 106 HOH HOH A . 
E 4 HOH 59 107 107 HOH HOH A . 
E 4 HOH 60 114 114 HOH HOH A . 
E 4 HOH 61 115 115 HOH HOH A . 
E 4 HOH 62 116 116 HOH HOH A . 
E 4 HOH 63 117 117 HOH HOH A . 
E 4 HOH 64 122 122 HOH HOH A . 
E 4 HOH 65 123 123 HOH HOH A . 
E 4 HOH 66 124 124 HOH HOH A . 
E 4 HOH 67 125 125 HOH HOH A . 
E 4 HOH 68 126 126 HOH HOH A . 
F 4 HOH 1  3   3   HOH HOH B . 
F 4 HOH 2  4   4   HOH HOH B . 
F 4 HOH 3  5   5   HOH HOH B . 
F 4 HOH 4  6   6   HOH HOH B . 
F 4 HOH 5  7   7   HOH HOH B . 
F 4 HOH 6  8   8   HOH HOH B . 
F 4 HOH 7  9   9   HOH HOH B . 
F 4 HOH 8  11  11  HOH HOH B . 
F 4 HOH 9  12  12  HOH HOH B . 
F 4 HOH 10 25  1   HOH HOH B . 
F 4 HOH 11 26  26  HOH HOH B . 
F 4 HOH 12 27  13  HOH HOH B . 
F 4 HOH 13 28  15  HOH HOH B . 
F 4 HOH 14 29  16  HOH HOH B . 
F 4 HOH 15 30  30  HOH HOH B . 
F 4 HOH 16 31  17  HOH HOH B . 
F 4 HOH 17 32  18  HOH HOH B . 
F 4 HOH 18 33  22  HOH HOH B . 
F 4 HOH 19 34  12  HOH HOH B . 
F 4 HOH 20 35  23  HOH HOH B . 
F 4 HOH 21 36  36  HOH HOH B . 
F 4 HOH 22 37  37  HOH HOH B . 
F 4 HOH 23 38  4   HOH HOH B . 
F 4 HOH 24 39  5   HOH HOH B . 
F 4 HOH 25 40  8   HOH HOH B . 
F 4 HOH 26 41  20  HOH HOH B . 
F 4 HOH 27 42  42  HOH HOH B . 
F 4 HOH 28 43  43  HOH HOH B . 
F 4 HOH 29 44  1   HOH HOH B . 
F 4 HOH 30 45  1   HOH HOH B . 
F 4 HOH 31 46  3   HOH HOH B . 
F 4 HOH 32 47  47  HOH HOH B . 
F 4 HOH 33 48  48  HOH HOH B . 
F 4 HOH 34 49  49  HOH HOH B . 
F 4 HOH 35 50  50  HOH HOH B . 
F 4 HOH 36 51  4   HOH HOH B . 
F 4 HOH 37 52  5   HOH HOH B . 
F 4 HOH 38 53  53  HOH HOH B . 
F 4 HOH 39 54  6   HOH HOH B . 
F 4 HOH 40 55  55  HOH HOH B . 
F 4 HOH 41 56  56  HOH HOH B . 
F 4 HOH 42 57  8   HOH HOH B . 
F 4 HOH 43 58  58  HOH HOH B . 
F 4 HOH 44 59  34  HOH HOH B . 
F 4 HOH 45 60  60  HOH HOH B . 
F 4 HOH 46 61  44  HOH HOH B . 
F 4 HOH 47 64  64  HOH HOH B . 
F 4 HOH 48 68  68  HOH HOH B . 
F 4 HOH 49 73  73  HOH HOH B . 
F 4 HOH 50 74  74  HOH HOH B . 
F 4 HOH 51 75  75  HOH HOH B . 
F 4 HOH 52 77  77  HOH HOH B . 
F 4 HOH 53 80  80  HOH HOH B . 
F 4 HOH 54 81  81  HOH HOH B . 
F 4 HOH 55 84  84  HOH HOH B . 
F 4 HOH 56 85  85  HOH HOH B . 
F 4 HOH 57 87  87  HOH HOH B . 
F 4 HOH 58 92  92  HOH HOH B . 
F 4 HOH 59 94  94  HOH HOH B . 
F 4 HOH 60 97  97  HOH HOH B . 
F 4 HOH 61 102 102 HOH HOH B . 
F 4 HOH 62 109 109 HOH HOH B . 
F 4 HOH 63 110 110 HOH HOH B . 
F 4 HOH 64 111 111 HOH HOH B . 
F 4 HOH 65 112 112 HOH HOH B . 
F 4 HOH 66 113 113 HOH HOH B . 
F 4 HOH 67 119 119 HOH HOH B . 
F 4 HOH 68 121 121 HOH HOH B . 
# 
loop_
_software.pdbx_ordinal 
_software.name 
_software.version 
_software.date 
_software.type 
_software.contact_author 
_software.contact_author_email 
_software.classification 
_software.location 
_software.language 
_software.citation_id 
1 SCALA       3.3.16   2010/01/06      other   'Phil R. Evans'      pre@mrc-lmb.cam.ac.uk    'data scaling'    
http://www.ccp4.ac.uk/dist/html/scala.html   Fortran_77 ? 
2 REFMAC      5.5.0109 ?               program 'Garib N. Murshudov' garib@ysbl.york.ac.uk    refinement        
http://www.ccp4.ac.uk/dist/html/refmac5.html Fortran_77 ? 
3 PDB_EXTRACT 3.10     'June 10, 2010' package PDB                  deposit@deposit.rcsb.org 'data extraction' 
http://sw-tools.pdb.org/apps/PDB_EXTRACT/    C++        ? 
4 CrysalisPro .        ?               ?       ?                    ?                        'data collection' ? ?          ? 
5 CrysalisPro .        ?               ?       ?                    ?                        'data reduction'  ? ?          ? 
6 REFMAC      5.5.0109 ?               ?       ?                    ?                        phasing           ? ?          ? 
# 
_cell.length_a           24.114 
_cell.length_b           38.417 
_cell.length_c           66.205 
_cell.angle_alpha        90.000 
_cell.angle_beta         90.000 
_cell.angle_gamma        90.000 
_cell.entry_id           3OIE 
_cell.pdbx_unique_axis   ? 
_cell.Z_PDB              8 
_cell.length_a_esd       ? 
_cell.length_b_esd       ? 
_cell.length_c_esd       ? 
_cell.angle_alpha_esd    ? 
_cell.angle_beta_esd     ? 
_cell.angle_gamma_esd    ? 
# 
_symmetry.space_group_name_H-M             'P 21 21 21' 
_symmetry.entry_id                         3OIE 
_symmetry.Int_Tables_number                19 
_symmetry.pdbx_full_space_group_name_H-M   ? 
_symmetry.cell_setting                     ? 
_symmetry.space_group_name_Hall            ? 
# 
_exptl.crystals_number   1 
_exptl.entry_id          3OIE 
_exptl.method            'X-RAY DIFFRACTION' 
# 
_exptl_crystal.id                    1 
_exptl_crystal.density_Matthews      2.09 
_exptl_crystal.density_meas          ? 
_exptl_crystal.density_percent_sol   41.22 
_exptl_crystal.description           ? 
_exptl_crystal.F_000                 ? 
_exptl_crystal.preparation           ? 
# 
_exptl_crystal_grow.crystal_id      1 
_exptl_crystal_grow.method          'VAPOR DIFFUSION, HANGING DROP' 
_exptl_crystal_grow.pH              6.5 
_exptl_crystal_grow.temp            283 
_exptl_crystal_grow.pdbx_details    
'MAGNESIUM CHLORIDE, DNA, COMPOUND, DB1880, MPD, SODIUM CACODYLATE BUFFER, pH 6.5, vapor diffusion, hanging drop, temperature 283K' 
_exptl_crystal_grow.temp_details    ? 
_exptl_crystal_grow.pdbx_pH_range   ? 
# 
_diffrn.id                     1 
_diffrn.ambient_temp           105 
_diffrn.ambient_temp_details   ? 
_diffrn.crystal_id             1 
# 
_diffrn_detector.diffrn_id              1 
_diffrn_detector.detector               CCD 
_diffrn_detector.type                   CCD 
_diffrn_detector.pdbx_collection_date   2010-03-16 
_diffrn_detector.details                ? 
# 
_diffrn_radiation.diffrn_id                        1 
_diffrn_radiation.pdbx_diffrn_protocol             'SINGLE WAVELENGTH' 
_diffrn_radiation.monochromator                    ? 
_diffrn_radiation.wavelength_id                    1 
_diffrn_radiation.pdbx_monochromatic_or_laue_m_l   M 
_diffrn_radiation.pdbx_scattering_type             x-ray 
# 
_diffrn_radiation_wavelength.id           1 
_diffrn_radiation_wavelength.wavelength   1.5418 
_diffrn_radiation_wavelength.wt           1.0 
# 
_diffrn_source.diffrn_id                   1 
_diffrn_source.source                      'SEALED TUBE' 
_diffrn_source.type                        'OXFORD DIFFRACTION ENHANCE ULTRA' 
_diffrn_source.pdbx_wavelength_list        1.5418 
_diffrn_source.pdbx_wavelength             ? 
_diffrn_source.pdbx_synchrotron_site       ? 
_diffrn_source.pdbx_synchrotron_beamline   ? 
# 
_reflns.entry_id                     3OIE 
_reflns.d_resolution_high            1.900 
_reflns.d_resolution_low             33.228 
_reflns.number_all                   5003 
_reflns.number_obs                   5003 
_reflns.pdbx_netI_over_sigmaI        20.200 
_reflns.pdbx_Rsym_value              0.036 
_reflns.pdbx_redundancy              3.400 
_reflns.percent_possible_obs         96.200 
_reflns.observed_criterion_sigma_F   ? 
_reflns.observed_criterion_sigma_I   ? 
_reflns.pdbx_Rmerge_I_obs            ? 
_reflns.B_iso_Wilson_estimate        ? 
_reflns.R_free_details               ? 
_reflns.limit_h_max                  ? 
_reflns.limit_h_min                  ? 
_reflns.limit_k_max                  ? 
_reflns.limit_k_min                  ? 
_reflns.limit_l_max                  ? 
_reflns.limit_l_min                  ? 
_reflns.observed_criterion_F_max     ? 
_reflns.observed_criterion_F_min     ? 
_reflns.pdbx_chi_squared             ? 
_reflns.pdbx_scaling_rejects         ? 
_reflns.pdbx_diffrn_id               1 
_reflns.pdbx_ordinal                 1 
# 
loop_
_reflns_shell.d_res_high 
_reflns_shell.d_res_low 
_reflns_shell.number_measured_obs 
_reflns_shell.number_measured_all 
_reflns_shell.number_unique_obs 
_reflns_shell.Rmerge_I_obs 
_reflns_shell.meanI_over_sigI_obs 
_reflns_shell.pdbx_Rsym_value 
_reflns_shell.pdbx_chi_squared 
_reflns_shell.pdbx_redundancy 
_reflns_shell.percent_possible_obs 
_reflns_shell.number_unique_all 
_reflns_shell.percent_possible_all 
_reflns_shell.pdbx_diffrn_id 
_reflns_shell.pdbx_ordinal 
1.900 2.000  ? 1228 ? 0.130 5.0  0.130 ? 2.100 ? 587 80.400  ? 1  
2.000 2.120  ? 2016 ? 0.111 6.9  0.111 ? 3.000 ? 671 97.500  ? 2  
2.120 2.270  ? 2454 ? 0.093 8.1  0.093 ? 3.700 ? 658 99.200  ? 3  
2.270 2.450  ? 2293 ? 0.068 10.9 0.068 ? 3.800 ? 611 99.300  ? 4  
2.450 2.690  ? 2178 ? 0.047 15.0 0.047 ? 3.800 ? 578 99.700  ? 5  
2.690 3.000  ? 1948 ? 0.039 17.6 0.039 ? 3.700 ? 522 99.900  ? 6  
3.000 3.470  ? 1736 ? 0.036 4.7  0.036 ? 3.700 ? 471 99.900  ? 7  
3.470 4.250  ? 1438 ? 0.026 13.8 0.026 ? 3.600 ? 403 100.000 ? 8  
4.250 6.010  ? 1160 ? 0.021 27.4 0.021 ? 3.600 ? 322 99.200  ? 9  
6.010 22.658 ? 591  ? 0.027 15.7 0.027 ? 3.300 ? 180 92.900  ? 10 
# 
_refine.entry_id                                 3OIE 
_refine.ls_d_res_high                            1.9000 
_refine.ls_d_res_low                             22.6600 
_refine.pdbx_ls_sigma_F                          0.000 
_refine.pdbx_data_cutoff_high_absF               ? 
_refine.pdbx_data_cutoff_low_absF                ? 
_refine.ls_percent_reflns_obs                    95.3300 
_refine.ls_number_reflns_obs                     4962 
_refine.ls_number_reflns_all                     ? 
_refine.pdbx_ls_cross_valid_method               THROUGHOUT 
_refine.pdbx_R_Free_selection_details            RANDOM 
_refine.details                                  
'HYDROGENS HAVE BEEN ADDED IN THE RIDING POSITIONS. U VALUES: REFINED INDIVIDUALLY' 
_refine.ls_R_factor_all                          ? 
_refine.ls_R_factor_obs                          0.1667 
_refine.ls_R_factor_R_work                       0.1630 
_refine.ls_wR_factor_R_work                      ? 
_refine.ls_R_factor_R_free                       0.2408 
_refine.ls_wR_factor_R_free                      ? 
_refine.ls_percent_reflns_R_free                 4.6000 
_refine.ls_number_reflns_R_free                  229 
_refine.ls_R_factor_R_free_error                 ? 
_refine.B_iso_mean                               21.7830 
_refine.solvent_model_param_bsol                 ? 
_refine.solvent_model_param_ksol                 ? 
_refine.pdbx_isotropic_thermal_model             ? 
_refine.aniso_B[1][1]                            -0.0100 
_refine.aniso_B[2][2]                            -0.0100 
_refine.aniso_B[3][3]                            0.0200 
_refine.aniso_B[1][2]                            0.0000 
_refine.aniso_B[1][3]                            0.0000 
_refine.aniso_B[2][3]                            0.0000 
_refine.correlation_coeff_Fo_to_Fc               0.9710 
_refine.correlation_coeff_Fo_to_Fc_free          0.9550 
_refine.overall_SU_R_Cruickshank_DPI             ? 
_refine.overall_SU_R_free                        ? 
_refine.pdbx_overall_ESU_R_Free                  0.1780 
_refine.overall_SU_ML                            0.1220 
_refine.overall_SU_B                             4.2330 
_refine.solvent_model_details                    MASK 
_refine.pdbx_solvent_vdw_probe_radii             1.4000 
_refine.pdbx_solvent_ion_probe_radii             0.8000 
_refine.pdbx_solvent_shrinkage_radii             0.8000 
_refine.ls_number_parameters                     ? 
_refine.ls_number_restraints                     ? 
_refine.pdbx_starting_model                      ? 
_refine.pdbx_method_to_determine_struct          'MOLECULAR REPLACEMENT' 
_refine.pdbx_stereochemistry_target_values       'MAXIMUM LIKELIHOOD' 
_refine.pdbx_stereochem_target_val_spec_case     ? 
_refine.overall_FOM_work_R_set                   ? 
_refine.B_iso_max                                55.950 
_refine.B_iso_min                                8.420 
_refine.occupancy_max                            1.000 
_refine.occupancy_min                            1.000 
_refine.pdbx_ls_sigma_I                          ? 
_refine.ls_redundancy_reflns_obs                 ? 
_refine.ls_R_factor_R_free_error_details         ? 
_refine.pdbx_data_cutoff_high_rms_absF           ? 
_refine.overall_FOM_free_R_set                   ? 
_refine.pdbx_overall_phase_error                 ? 
_refine.pdbx_refine_id                           'X-RAY DIFFRACTION' 
_refine.pdbx_overall_ESU_R                       ? 
_refine.pdbx_diffrn_id                           1 
_refine.pdbx_TLS_residual_ADP_flag               ? 
_refine.pdbx_overall_SU_R_free_Cruickshank_DPI   ? 
_refine.pdbx_overall_SU_R_Blow_DPI               ? 
_refine.pdbx_overall_SU_R_free_Blow_DPI          ? 
# 
_refine_hist.pdbx_refine_id                   'X-RAY DIFFRACTION' 
_refine_hist.cycle_id                         LAST 
_refine_hist.pdbx_number_atoms_protein        0 
_refine_hist.pdbx_number_atoms_nucleic_acid   486 
_refine_hist.pdbx_number_atoms_ligand         50 
_refine_hist.number_atoms_solvent             136 
_refine_hist.number_atoms_total               672 
_refine_hist.d_res_high                       1.9000 
_refine_hist.d_res_low                        22.6600 
# 
loop_
_refine_ls_restr.type 
_refine_ls_restr.number 
_refine_ls_restr.dev_ideal 
_refine_ls_restr.dev_ideal_target 
_refine_ls_restr.weight 
_refine_ls_restr.pdbx_refine_id 
_refine_ls_restr.pdbx_restraint_function 
r_bond_refined_d     599 0.018 0.021 ? 'X-RAY DIFFRACTION' ? 
r_angle_refined_deg  911 3.031 3.011 ? 'X-RAY DIFFRACTION' ? 
r_chiral_restr       96  0.125 0.200 ? 'X-RAY DIFFRACTION' ? 
r_gen_planes_refined 301 0.017 0.020 ? 'X-RAY DIFFRACTION' ? 
r_scbond_it          599 2.505 3.000 ? 'X-RAY DIFFRACTION' ? 
r_scangle_it         911 3.294 4.500 ? 'X-RAY DIFFRACTION' ? 
# 
_refine_ls_shell.d_res_high                       1.9010 
_refine_ls_shell.d_res_low                        1.9500 
_refine_ls_shell.pdbx_total_number_of_bins_used   20 
_refine_ls_shell.percent_reflns_obs               74.5900 
_refine_ls_shell.number_reflns_R_work             261 
_refine_ls_shell.R_factor_all                     ? 
_refine_ls_shell.R_factor_R_work                  0.1920 
_refine_ls_shell.R_factor_R_free                  0.4160 
_refine_ls_shell.percent_reflns_R_free            ? 
_refine_ls_shell.number_reflns_R_free             15 
_refine_ls_shell.R_factor_R_free_error            ? 
_refine_ls_shell.number_reflns_all                276 
_refine_ls_shell.number_reflns_obs                ? 
_refine_ls_shell.redundancy_reflns_obs            ? 
_refine_ls_shell.pdbx_refine_id                   'X-RAY DIFFRACTION' 
# 
_struct.entry_id                  3OIE 
_struct.title                     'Crystal structure of the DB1880-D(CGCGAATTCGCG)2 complex' 
_struct.pdbx_model_details        ? 
_struct.pdbx_CASP_flag            ? 
_struct.pdbx_model_type_details   ? 
# 
_struct_keywords.entry_id        3OIE 
_struct_keywords.text            
;NUCLEIC ACIDS, DNA, DOUBLE HELIX, MINOR GROOVE, DNA MINOR GROOVE BINDER, DNA MINOR GROOVE-LIGAND COMPLEX, DB1880, A2T2, DICKERSON AND DREW DODECAMER, CRYSTAL STRUCTURE OF B-DNA, DNA-DRUG COMPLEX, MAGNESIUM-WATER COMPLEX, HYDRATED MAGNESIUM, DNA HYDRATION
;
_struct_keywords.pdbx_keywords   DNA 
# 
loop_
_struct_asym.id 
_struct_asym.pdbx_blank_PDB_chainid_flag 
_struct_asym.pdbx_modified 
_struct_asym.entity_id 
_struct_asym.details 
A N N 1 ? 
B N N 1 ? 
C N N 2 ? 
D N N 3 ? 
E N N 4 ? 
F N N 4 ? 
# 
_struct_ref.id                         1 
_struct_ref.db_name                    PDB 
_struct_ref.db_code                    3OIE 
_struct_ref.pdbx_db_accession          3OIE 
_struct_ref.entity_id                  1 
_struct_ref.pdbx_align_begin           ? 
_struct_ref.pdbx_seq_one_letter_code   CGCGAATTCGCG 
_struct_ref.pdbx_db_isoform            ? 
# 
loop_
_struct_ref_seq.align_id 
_struct_ref_seq.ref_id 
_struct_ref_seq.pdbx_PDB_id_code 
_struct_ref_seq.pdbx_strand_id 
_struct_ref_seq.seq_align_beg 
_struct_ref_seq.pdbx_seq_align_beg_ins_code 
_struct_ref_seq.seq_align_end 
_struct_ref_seq.pdbx_seq_align_end_ins_code 
_struct_ref_seq.pdbx_db_accession 
_struct_ref_seq.db_align_beg 
_struct_ref_seq.pdbx_db_align_beg_ins_code 
_struct_ref_seq.db_align_end 
_struct_ref_seq.pdbx_db_align_end_ins_code 
_struct_ref_seq.pdbx_auth_seq_align_beg 
_struct_ref_seq.pdbx_auth_seq_align_end 
1 1 3OIE A 1 ? 12 ? 3OIE 1  ? 12 ? 1  12 
2 1 3OIE B 1 ? 12 ? 3OIE 13 ? 24 ? 13 24 
# 
_pdbx_struct_assembly.id                   1 
_pdbx_struct_assembly.details              author_and_software_defined_assembly 
_pdbx_struct_assembly.method_details       PISA 
_pdbx_struct_assembly.oligomeric_details   dimeric 
_pdbx_struct_assembly.oligomeric_count     2 
# 
loop_
_pdbx_struct_assembly_prop.biol_id 
_pdbx_struct_assembly_prop.type 
_pdbx_struct_assembly_prop.value 
_pdbx_struct_assembly_prop.details 
1 'ABSA (A^2)' 1710 ? 
1 MORE         -9   ? 
1 'SSA (A^2)'  4450 ? 
# 
_pdbx_struct_assembly_gen.assembly_id       1 
_pdbx_struct_assembly_gen.oper_expression   1 
_pdbx_struct_assembly_gen.asym_id_list      A,B,C,D,E,F 
# 
_pdbx_struct_oper_list.id                   1 
_pdbx_struct_oper_list.type                 'identity operation' 
_pdbx_struct_oper_list.name                 1_555 
_pdbx_struct_oper_list.symmetry_operation   x,y,z 
_pdbx_struct_oper_list.matrix[1][1]         1.0000000000 
_pdbx_struct_oper_list.matrix[1][2]         0.0000000000 
_pdbx_struct_oper_list.matrix[1][3]         0.0000000000 
_pdbx_struct_oper_list.vector[1]            0.0000000000 
_pdbx_struct_oper_list.matrix[2][1]         0.0000000000 
_pdbx_struct_oper_list.matrix[2][2]         1.0000000000 
_pdbx_struct_oper_list.matrix[2][3]         0.0000000000 
_pdbx_struct_oper_list.vector[2]            0.0000000000 
_pdbx_struct_oper_list.matrix[3][1]         0.0000000000 
_pdbx_struct_oper_list.matrix[3][2]         0.0000000000 
_pdbx_struct_oper_list.matrix[3][3]         1.0000000000 
_pdbx_struct_oper_list.vector[3]            0.0000000000 
# 
_struct_biol.id        1 
_struct_biol.details   ? 
# 
loop_
_struct_conn.id 
_struct_conn.conn_type_id 
_struct_conn.pdbx_leaving_atom_flag 
_struct_conn.pdbx_PDB_id 
_struct_conn.ptnr1_label_asym_id 
_struct_conn.ptnr1_label_comp_id 
_struct_conn.ptnr1_label_seq_id 
_struct_conn.ptnr1_label_atom_id 
_struct_conn.pdbx_ptnr1_label_alt_id 
_struct_conn.pdbx_ptnr1_PDB_ins_code 
_struct_conn.pdbx_ptnr1_standard_comp_id 
_struct_conn.ptnr1_symmetry 
_struct_conn.ptnr2_label_asym_id 
_struct_conn.ptnr2_label_comp_id 
_struct_conn.ptnr2_label_seq_id 
_struct_conn.ptnr2_label_atom_id 
_struct_conn.pdbx_ptnr2_label_alt_id 
_struct_conn.pdbx_ptnr2_PDB_ins_code 
_struct_conn.ptnr1_auth_asym_id 
_struct_conn.ptnr1_auth_comp_id 
_struct_conn.ptnr1_auth_seq_id 
_struct_conn.ptnr2_auth_asym_id 
_struct_conn.ptnr2_auth_comp_id 
_struct_conn.ptnr2_auth_seq_id 
_struct_conn.ptnr2_symmetry 
_struct_conn.pdbx_ptnr3_label_atom_id 
_struct_conn.pdbx_ptnr3_label_seq_id 
_struct_conn.pdbx_ptnr3_label_comp_id 
_struct_conn.pdbx_ptnr3_label_asym_id 
_struct_conn.pdbx_ptnr3_label_alt_id 
_struct_conn.pdbx_ptnr3_PDB_ins_code 
_struct_conn.details 
_struct_conn.pdbx_dist_value 
_struct_conn.pdbx_value_order 
_struct_conn.pdbx_role 
metalc1  metalc ? ? C MG .  MG ? ? ? 1_555 E HOH .  O  ? ? A MG 13 A HOH 24 1_555 ? ? ? ? ? ? ?            2.017 ? ? 
metalc2  metalc ? ? C MG .  MG ? ? ? 1_555 E HOH .  O  ? ? A MG 13 A HOH 26 1_555 ? ? ? ? ? ? ?            2.118 ? ? 
metalc3  metalc ? ? C MG .  MG ? ? ? 1_555 E HOH .  O  ? ? A MG 13 A HOH 27 1_555 ? ? ? ? ? ? ?            2.224 ? ? 
metalc4  metalc ? ? C MG .  MG ? ? ? 1_555 F HOH .  O  ? ? A MG 13 B HOH 27 1_555 ? ? ? ? ? ? ?            2.306 ? ? 
metalc5  metalc ? ? C MG .  MG ? ? ? 1_555 F HOH .  O  ? ? A MG 13 B HOH 38 1_555 ? ? ? ? ? ? ?            1.953 ? ? 
metalc6  metalc ? ? C MG .  MG ? ? ? 1_555 F HOH .  O  ? ? A MG 13 B HOH 39 1_555 ? ? ? ? ? ? ?            2.197 ? ? 
hydrog1  hydrog ? ? A DC 1  N3 ? ? ? 1_555 B DG  12 N1 ? ? A DC 1  B DG  24 1_555 ? ? ? ? ? ? WATSON-CRICK ?     ? ? 
hydrog2  hydrog ? ? A DC 1  N4 ? ? ? 1_555 B DG  12 O6 ? ? A DC 1  B DG  24 1_555 ? ? ? ? ? ? WATSON-CRICK ?     ? ? 
hydrog3  hydrog ? ? A DC 1  O2 ? ? ? 1_555 B DG  12 N2 ? ? A DC 1  B DG  24 1_555 ? ? ? ? ? ? WATSON-CRICK ?     ? ? 
hydrog4  hydrog ? ? A DG 2  N1 ? ? ? 1_555 B DC  11 N3 ? ? A DG 2  B DC  23 1_555 ? ? ? ? ? ? WATSON-CRICK ?     ? ? 
hydrog5  hydrog ? ? A DG 2  N2 ? ? ? 1_555 B DC  11 O2 ? ? A DG 2  B DC  23 1_555 ? ? ? ? ? ? WATSON-CRICK ?     ? ? 
hydrog6  hydrog ? ? A DG 2  O6 ? ? ? 1_555 B DC  11 N4 ? ? A DG 2  B DC  23 1_555 ? ? ? ? ? ? WATSON-CRICK ?     ? ? 
hydrog7  hydrog ? ? A DC 3  N3 ? ? ? 1_555 B DG  10 N1 ? ? A DC 3  B DG  22 1_555 ? ? ? ? ? ? WATSON-CRICK ?     ? ? 
hydrog8  hydrog ? ? A DC 3  N4 ? ? ? 1_555 B DG  10 O6 ? ? A DC 3  B DG  22 1_555 ? ? ? ? ? ? WATSON-CRICK ?     ? ? 
hydrog9  hydrog ? ? A DC 3  O2 ? ? ? 1_555 B DG  10 N2 ? ? A DC 3  B DG  22 1_555 ? ? ? ? ? ? WATSON-CRICK ?     ? ? 
hydrog10 hydrog ? ? A DG 4  N1 ? ? ? 1_555 B DC  9  N3 ? ? A DG 4  B DC  21 1_555 ? ? ? ? ? ? WATSON-CRICK ?     ? ? 
hydrog11 hydrog ? ? A DG 4  N2 ? ? ? 1_555 B DC  9  O2 ? ? A DG 4  B DC  21 1_555 ? ? ? ? ? ? WATSON-CRICK ?     ? ? 
hydrog12 hydrog ? ? A DG 4  O6 ? ? ? 1_555 B DC  9  N4 ? ? A DG 4  B DC  21 1_555 ? ? ? ? ? ? WATSON-CRICK ?     ? ? 
hydrog13 hydrog ? ? A DA 5  N1 ? ? ? 1_555 B DT  8  N3 ? ? A DA 5  B DT  20 1_555 ? ? ? ? ? ? WATSON-CRICK ?     ? ? 
hydrog14 hydrog ? ? A DA 5  N6 ? ? ? 1_555 B DT  8  O4 ? ? A DA 5  B DT  20 1_555 ? ? ? ? ? ? WATSON-CRICK ?     ? ? 
hydrog15 hydrog ? ? A DA 6  N1 ? ? ? 1_555 B DT  7  N3 ? ? A DA 6  B DT  19 1_555 ? ? ? ? ? ? WATSON-CRICK ?     ? ? 
hydrog16 hydrog ? ? A DA 6  N6 ? ? ? 1_555 B DT  7  O4 ? ? A DA 6  B DT  19 1_555 ? ? ? ? ? ? WATSON-CRICK ?     ? ? 
hydrog17 hydrog ? ? A DT 7  N3 ? ? ? 1_555 B DA  6  N1 ? ? A DT 7  B DA  18 1_555 ? ? ? ? ? ? WATSON-CRICK ?     ? ? 
hydrog18 hydrog ? ? A DT 7  O4 ? ? ? 1_555 B DA  6  N6 ? ? A DT 7  B DA  18 1_555 ? ? ? ? ? ? WATSON-CRICK ?     ? ? 
hydrog19 hydrog ? ? A DT 8  N3 ? ? ? 1_555 B DA  5  N1 ? ? A DT 8  B DA  17 1_555 ? ? ? ? ? ? WATSON-CRICK ?     ? ? 
hydrog20 hydrog ? ? A DT 8  O4 ? ? ? 1_555 B DA  5  N6 ? ? A DT 8  B DA  17 1_555 ? ? ? ? ? ? WATSON-CRICK ?     ? ? 
hydrog21 hydrog ? ? A DC 9  N3 ? ? ? 1_555 B DG  4  N1 ? ? A DC 9  B DG  16 1_555 ? ? ? ? ? ? WATSON-CRICK ?     ? ? 
hydrog22 hydrog ? ? A DC 9  N4 ? ? ? 1_555 B DG  4  O6 ? ? A DC 9  B DG  16 1_555 ? ? ? ? ? ? WATSON-CRICK ?     ? ? 
hydrog23 hydrog ? ? A DC 9  O2 ? ? ? 1_555 B DG  4  N2 ? ? A DC 9  B DG  16 1_555 ? ? ? ? ? ? WATSON-CRICK ?     ? ? 
hydrog24 hydrog ? ? A DG 10 N1 ? ? ? 1_555 B DC  3  N3 ? ? A DG 10 B DC  15 1_555 ? ? ? ? ? ? WATSON-CRICK ?     ? ? 
hydrog25 hydrog ? ? A DG 10 N2 ? ? ? 1_555 B DC  3  O2 ? ? A DG 10 B DC  15 1_555 ? ? ? ? ? ? WATSON-CRICK ?     ? ? 
hydrog26 hydrog ? ? A DG 10 O6 ? ? ? 1_555 B DC  3  N4 ? ? A DG 10 B DC  15 1_555 ? ? ? ? ? ? WATSON-CRICK ?     ? ? 
hydrog27 hydrog ? ? A DC 11 N3 ? ? ? 1_555 B DG  2  N1 ? ? A DC 11 B DG  14 1_555 ? ? ? ? ? ? WATSON-CRICK ?     ? ? 
hydrog28 hydrog ? ? A DC 11 N4 ? ? ? 1_555 B DG  2  O6 ? ? A DC 11 B DG  14 1_555 ? ? ? ? ? ? WATSON-CRICK ?     ? ? 
hydrog29 hydrog ? ? A DC 11 O2 ? ? ? 1_555 B DG  2  N2 ? ? A DC 11 B DG  14 1_555 ? ? ? ? ? ? WATSON-CRICK ?     ? ? 
hydrog30 hydrog ? ? A DG 12 N1 ? ? ? 1_555 B DC  1  N3 ? ? A DG 12 B DC  13 1_555 ? ? ? ? ? ? WATSON-CRICK ?     ? ? 
hydrog31 hydrog ? ? A DG 12 N2 ? ? ? 1_555 B DC  1  O2 ? ? A DG 12 B DC  13 1_555 ? ? ? ? ? ? WATSON-CRICK ?     ? ? 
hydrog32 hydrog ? ? A DG 12 O6 ? ? ? 1_555 B DC  1  N4 ? ? A DG 12 B DC  13 1_555 ? ? ? ? ? ? WATSON-CRICK ?     ? ? 
# 
loop_
_struct_conn_type.id 
_struct_conn_type.criteria 
_struct_conn_type.reference 
metalc ? ? 
hydrog ? ? 
# 
loop_
_pdbx_struct_conn_angle.id 
_pdbx_struct_conn_angle.ptnr1_label_atom_id 
_pdbx_struct_conn_angle.ptnr1_label_alt_id 
_pdbx_struct_conn_angle.ptnr1_label_asym_id 
_pdbx_struct_conn_angle.ptnr1_label_comp_id 
_pdbx_struct_conn_angle.ptnr1_label_seq_id 
_pdbx_struct_conn_angle.ptnr1_auth_atom_id 
_pdbx_struct_conn_angle.ptnr1_auth_asym_id 
_pdbx_struct_conn_angle.ptnr1_auth_comp_id 
_pdbx_struct_conn_angle.ptnr1_auth_seq_id 
_pdbx_struct_conn_angle.ptnr1_PDB_ins_code 
_pdbx_struct_conn_angle.ptnr1_symmetry 
_pdbx_struct_conn_angle.ptnr2_label_atom_id 
_pdbx_struct_conn_angle.ptnr2_label_alt_id 
_pdbx_struct_conn_angle.ptnr2_label_asym_id 
_pdbx_struct_conn_angle.ptnr2_label_comp_id 
_pdbx_struct_conn_angle.ptnr2_label_seq_id 
_pdbx_struct_conn_angle.ptnr2_auth_atom_id 
_pdbx_struct_conn_angle.ptnr2_auth_asym_id 
_pdbx_struct_conn_angle.ptnr2_auth_comp_id 
_pdbx_struct_conn_angle.ptnr2_auth_seq_id 
_pdbx_struct_conn_angle.ptnr2_PDB_ins_code 
_pdbx_struct_conn_angle.ptnr2_symmetry 
_pdbx_struct_conn_angle.ptnr3_label_atom_id 
_pdbx_struct_conn_angle.ptnr3_label_alt_id 
_pdbx_struct_conn_angle.ptnr3_label_asym_id 
_pdbx_struct_conn_angle.ptnr3_label_comp_id 
_pdbx_struct_conn_angle.ptnr3_label_seq_id 
_pdbx_struct_conn_angle.ptnr3_auth_atom_id 
_pdbx_struct_conn_angle.ptnr3_auth_asym_id 
_pdbx_struct_conn_angle.ptnr3_auth_comp_id 
_pdbx_struct_conn_angle.ptnr3_auth_seq_id 
_pdbx_struct_conn_angle.ptnr3_PDB_ins_code 
_pdbx_struct_conn_angle.ptnr3_symmetry 
_pdbx_struct_conn_angle.value 
_pdbx_struct_conn_angle.value_esd 
1  O ? E HOH . ? A HOH 24 ? 1_555 MG ? C MG . ? A MG 13 ? 1_555 O ? E HOH . ? A HOH 26 ? 1_555 88.0  ? 
2  O ? E HOH . ? A HOH 24 ? 1_555 MG ? C MG . ? A MG 13 ? 1_555 O ? E HOH . ? A HOH 27 ? 1_555 94.4  ? 
3  O ? E HOH . ? A HOH 26 ? 1_555 MG ? C MG . ? A MG 13 ? 1_555 O ? E HOH . ? A HOH 27 ? 1_555 83.8  ? 
4  O ? E HOH . ? A HOH 24 ? 1_555 MG ? C MG . ? A MG 13 ? 1_555 O ? F HOH . ? B HOH 27 ? 1_555 172.2 ? 
5  O ? E HOH . ? A HOH 26 ? 1_555 MG ? C MG . ? A MG 13 ? 1_555 O ? F HOH . ? B HOH 27 ? 1_555 84.4  ? 
6  O ? E HOH . ? A HOH 27 ? 1_555 MG ? C MG . ? A MG 13 ? 1_555 O ? F HOH . ? B HOH 27 ? 1_555 83.3  ? 
7  O ? E HOH . ? A HOH 24 ? 1_555 MG ? C MG . ? A MG 13 ? 1_555 O ? F HOH . ? B HOH 38 ? 1_555 103.6 ? 
8  O ? E HOH . ? A HOH 26 ? 1_555 MG ? C MG . ? A MG 13 ? 1_555 O ? F HOH . ? B HOH 38 ? 1_555 164.4 ? 
9  O ? E HOH . ? A HOH 27 ? 1_555 MG ? C MG . ? A MG 13 ? 1_555 O ? F HOH . ? B HOH 38 ? 1_555 105.3 ? 
10 O ? F HOH . ? B HOH 27 ? 1_555 MG ? C MG . ? A MG 13 ? 1_555 O ? F HOH . ? B HOH 38 ? 1_555 84.2  ? 
11 O ? E HOH . ? A HOH 24 ? 1_555 MG ? C MG . ? A MG 13 ? 1_555 O ? F HOH . ? B HOH 39 ? 1_555 107.6 ? 
12 O ? E HOH . ? A HOH 26 ? 1_555 MG ? C MG . ? A MG 13 ? 1_555 O ? F HOH . ? B HOH 39 ? 1_555 89.9  ? 
13 O ? E HOH . ? A HOH 27 ? 1_555 MG ? C MG . ? A MG 13 ? 1_555 O ? F HOH . ? B HOH 39 ? 1_555 156.8 ? 
14 O ? F HOH . ? B HOH 27 ? 1_555 MG ? C MG . ? A MG 13 ? 1_555 O ? F HOH . ? B HOH 39 ? 1_555 73.9  ? 
15 O ? F HOH . ? B HOH 38 ? 1_555 MG ? C MG . ? A MG 13 ? 1_555 O ? F HOH . ? B HOH 39 ? 1_555 76.8  ? 
# 
loop_
_struct_site.id 
_struct_site.pdbx_evidence_code 
_struct_site.pdbx_auth_asym_id 
_struct_site.pdbx_auth_comp_id 
_struct_site.pdbx_auth_seq_id 
_struct_site.pdbx_auth_ins_code 
_struct_site.pdbx_num_residues 
_struct_site.details 
AC1 Software A MG  13 ? 6  'BINDING SITE FOR RESIDUE MG A 13' 
AC2 Software B 881 1  ? 20 'BINDING SITE FOR RESIDUE 881 B 1' 
1   ?        ? ?   ?  ? ?  ?                                  
# 
loop_
_struct_site_gen.id 
_struct_site_gen.site_id 
_struct_site_gen.pdbx_num_res 
_struct_site_gen.label_comp_id 
_struct_site_gen.label_asym_id 
_struct_site_gen.label_seq_id 
_struct_site_gen.pdbx_auth_ins_code 
_struct_site_gen.auth_comp_id 
_struct_site_gen.auth_asym_id 
_struct_site_gen.auth_seq_id 
_struct_site_gen.label_atom_id 
_struct_site_gen.label_alt_id 
_struct_site_gen.symmetry 
_struct_site_gen.details 
1  AC1 6  HOH E .  ? HOH A 24  . ? 1_555 ? 
2  AC1 6  HOH E .  ? HOH A 26  . ? 1_555 ? 
3  AC1 6  HOH E .  ? HOH A 27  . ? 1_555 ? 
4  AC1 6  HOH F .  ? HOH B 27  . ? 1_555 ? 
5  AC1 6  HOH F .  ? HOH B 38  . ? 1_555 ? 
6  AC1 6  HOH F .  ? HOH B 39  . ? 1_555 ? 
7  AC2 20 DA  A 6  ? DA  A 6   . ? 1_555 ? 
8  AC2 20 DT  A 7  ? DT  A 7   . ? 1_555 ? 
9  AC2 20 DT  A 8  ? DT  A 8   . ? 1_555 ? 
10 AC2 20 DC  A 9  ? DC  A 9   . ? 1_555 ? 
11 AC2 20 DG  A 10 ? DG  A 10  . ? 1_555 ? 
12 AC2 20 DC  A 11 ? DC  A 11  . ? 1_555 ? 
13 AC2 20 DC  A 11 ? DC  A 11  . ? 4_465 ? 
14 AC2 20 DG  A 12 ? DG  A 12  . ? 4_465 ? 
15 AC2 20 HOH E .  ? HOH A 114 . ? 1_555 ? 
16 AC2 20 HOH F .  ? HOH B 5   . ? 1_555 ? 
17 AC2 20 DG  B 4  ? DG  B 16  . ? 1_555 ? 
18 AC2 20 DA  B 5  ? DA  B 17  . ? 1_555 ? 
19 AC2 20 DA  B 6  ? DA  B 18  . ? 1_555 ? 
20 AC2 20 DT  B 7  ? DT  B 19  . ? 1_555 ? 
21 AC2 20 DT  B 8  ? DT  B 20  . ? 1_555 ? 
22 AC2 20 DC  B 9  ? DC  B 21  . ? 1_555 ? 
23 AC2 20 DC  B 11 ? DC  B 23  . ? 3_655 ? 
24 AC2 20 DG  B 12 ? DG  B 24  . ? 3_655 ? 
25 AC2 20 DG  B 12 ? DG  B 24  . ? 2_664 ? 
26 AC2 20 HOH F .  ? HOH B 40  . ? 1_555 ? 
# 
_pdbx_validate_symm_contact.id                1 
_pdbx_validate_symm_contact.PDB_model_num     1 
_pdbx_validate_symm_contact.auth_atom_id_1    O 
_pdbx_validate_symm_contact.auth_asym_id_1    A 
_pdbx_validate_symm_contact.auth_comp_id_1    HOH 
_pdbx_validate_symm_contact.auth_seq_id_1     16 
_pdbx_validate_symm_contact.PDB_ins_code_1    ? 
_pdbx_validate_symm_contact.label_alt_id_1    ? 
_pdbx_validate_symm_contact.site_symmetry_1   1_555 
_pdbx_validate_symm_contact.auth_atom_id_2    O 
_pdbx_validate_symm_contact.auth_asym_id_2    B 
_pdbx_validate_symm_contact.auth_comp_id_2    HOH 
_pdbx_validate_symm_contact.auth_seq_id_2     7 
_pdbx_validate_symm_contact.PDB_ins_code_2    ? 
_pdbx_validate_symm_contact.label_alt_id_2    ? 
_pdbx_validate_symm_contact.site_symmetry_2   4_565 
_pdbx_validate_symm_contact.dist              2.16 
# 
loop_
_pdbx_validate_rmsd_bond.id 
_pdbx_validate_rmsd_bond.PDB_model_num 
_pdbx_validate_rmsd_bond.auth_atom_id_1 
_pdbx_validate_rmsd_bond.auth_asym_id_1 
_pdbx_validate_rmsd_bond.auth_comp_id_1 
_pdbx_validate_rmsd_bond.auth_seq_id_1 
_pdbx_validate_rmsd_bond.PDB_ins_code_1 
_pdbx_validate_rmsd_bond.label_alt_id_1 
_pdbx_validate_rmsd_bond.auth_atom_id_2 
_pdbx_validate_rmsd_bond.auth_asym_id_2 
_pdbx_validate_rmsd_bond.auth_comp_id_2 
_pdbx_validate_rmsd_bond.auth_seq_id_2 
_pdbx_validate_rmsd_bond.PDB_ins_code_2 
_pdbx_validate_rmsd_bond.label_alt_id_2 
_pdbx_validate_rmsd_bond.bond_value 
_pdbx_validate_rmsd_bond.bond_target_value 
_pdbx_validate_rmsd_bond.bond_deviation 
_pdbx_validate_rmsd_bond.bond_standard_deviation 
_pdbx_validate_rmsd_bond.linker_flag 
1 1 "O3'" A DG 2  ? ? "C3'" A DG 2  ? ? 1.374 1.419 -0.045 0.006 N 
2 1 "O3'" A DC 3  ? ? "C3'" A DC 3  ? ? 1.359 1.419 -0.060 0.006 N 
3 1 C5    A DT 8  ? ? C7    A DT 8  ? ? 1.550 1.496 0.054  0.006 N 
4 1 "O3'" B DC 13 ? ? "C3'" B DC 13 ? ? 1.367 1.419 -0.052 0.006 N 
5 1 "O3'" B DC 15 ? ? "C3'" B DC 15 ? ? 1.366 1.419 -0.053 0.006 N 
# 
loop_
_pdbx_validate_rmsd_angle.id 
_pdbx_validate_rmsd_angle.PDB_model_num 
_pdbx_validate_rmsd_angle.auth_atom_id_1 
_pdbx_validate_rmsd_angle.auth_asym_id_1 
_pdbx_validate_rmsd_angle.auth_comp_id_1 
_pdbx_validate_rmsd_angle.auth_seq_id_1 
_pdbx_validate_rmsd_angle.PDB_ins_code_1 
_pdbx_validate_rmsd_angle.label_alt_id_1 
_pdbx_validate_rmsd_angle.auth_atom_id_2 
_pdbx_validate_rmsd_angle.auth_asym_id_2 
_pdbx_validate_rmsd_angle.auth_comp_id_2 
_pdbx_validate_rmsd_angle.auth_seq_id_2 
_pdbx_validate_rmsd_angle.PDB_ins_code_2 
_pdbx_validate_rmsd_angle.label_alt_id_2 
_pdbx_validate_rmsd_angle.auth_atom_id_3 
_pdbx_validate_rmsd_angle.auth_asym_id_3 
_pdbx_validate_rmsd_angle.auth_comp_id_3 
_pdbx_validate_rmsd_angle.auth_seq_id_3 
_pdbx_validate_rmsd_angle.PDB_ins_code_3 
_pdbx_validate_rmsd_angle.label_alt_id_3 
_pdbx_validate_rmsd_angle.angle_value 
_pdbx_validate_rmsd_angle.angle_target_value 
_pdbx_validate_rmsd_angle.angle_deviation 
_pdbx_validate_rmsd_angle.angle_standard_deviation 
_pdbx_validate_rmsd_angle.linker_flag 
1  1 "O4'" A DC 1  ? ? "C1'" A DC 1  ? ? N1    A DC 1  ? ? 113.31 108.30 5.01  0.30 N 
2  1 "O4'" A DG 2  ? ? "C1'" A DG 2  ? ? "C2'" A DG 2  ? ? 110.90 106.80 4.10  0.50 N 
3  1 "O4'" A DA 5  ? ? "C1'" A DA 5  ? ? N9    A DA 5  ? ? 114.67 108.30 6.37  0.30 N 
4  1 N1    A DA 5  ? ? C6    A DA 5  ? ? N6    A DA 5  ? ? 122.96 118.60 4.36  0.60 N 
5  1 N1    A DA 6  ? ? C6    A DA 6  ? ? N6    A DA 6  ? ? 122.74 118.60 4.14  0.60 N 
6  1 OP1   A DT 8  ? ? P     A DT 8  ? ? OP2   A DT 8  ? ? 132.67 119.60 13.07 1.50 N 
7  1 C5    A DT 8  ? ? C4    A DT 8  ? ? O4    A DT 8  ? ? 120.46 124.90 -4.44 0.70 N 
8  1 "O4'" A DC 9  ? ? "C1'" A DC 9  ? ? N1    A DC 9  ? ? 111.20 108.30 2.90  0.30 N 
9  1 "C3'" A DG 10 ? ? "C2'" A DG 10 ? ? "C1'" A DG 10 ? ? 96.33  102.40 -6.07 0.80 N 
10 1 "O4'" A DG 10 ? ? "C1'" A DG 10 ? ? N9    A DG 10 ? ? 103.19 108.00 -4.81 0.70 N 
11 1 "O4'" A DC 11 ? ? "C1'" A DC 11 ? ? N1    A DC 11 ? ? 102.14 108.00 -5.86 0.70 N 
12 1 C5    A DG 12 ? ? C6    A DG 12 ? ? N1    A DG 12 ? ? 114.85 111.50 3.35  0.50 N 
13 1 "O4'" B DC 13 ? ? "C1'" B DC 13 ? ? N1    B DC 13 ? ? 103.69 108.00 -4.31 0.70 N 
14 1 OP1   B DG 14 ? ? P     B DG 14 ? ? OP2   B DG 14 ? ? 128.69 119.60 9.09  1.50 N 
15 1 "O5'" B DG 14 ? ? P     B DG 14 ? ? OP2   B DG 14 ? ? 98.24  105.70 -7.46 0.90 N 
16 1 "O4'" B DG 14 ? ? "C1'" B DG 14 ? ? N9    B DG 14 ? ? 101.13 108.00 -6.87 0.70 N 
17 1 "C3'" B DG 14 ? ? "O3'" B DG 14 ? ? P     B DC 15 ? ? 128.11 119.70 8.41  1.20 Y 
18 1 "O4'" B DC 15 ? ? "C1'" B DC 15 ? ? N1    B DC 15 ? ? 103.08 108.00 -4.92 0.70 N 
19 1 "O4'" B DG 16 ? ? "C1'" B DG 16 ? ? N9    B DG 16 ? ? 112.48 108.30 4.18  0.30 N 
20 1 OP1   B DA 17 ? ? P     B DA 17 ? ? OP2   B DA 17 ? ? 129.77 119.60 10.17 1.50 N 
21 1 "O5'" B DT 19 ? ? P     B DT 19 ? ? OP2   B DT 19 ? ? 99.51  105.70 -6.19 0.90 N 
22 1 "C3'" B DT 20 ? ? "C2'" B DT 20 ? ? "C1'" B DT 20 ? ? 95.34  102.40 -7.06 0.80 N 
23 1 "O4'" B DT 20 ? ? "C1'" B DT 20 ? ? N1    B DT 20 ? ? 110.99 108.30 2.69  0.30 N 
24 1 C4    B DT 20 ? ? C5    B DT 20 ? ? C7    B DT 20 ? ? 123.54 119.00 4.54  0.60 N 
25 1 C6    B DT 20 ? ? C5    B DT 20 ? ? C7    B DT 20 ? ? 116.76 122.90 -6.14 0.60 N 
26 1 "O3'" B DC 21 ? ? P     B DG 22 ? ? OP2   B DG 22 ? ? 118.66 110.50 8.16  1.10 Y 
27 1 "O5'" B DG 22 ? ? P     B DG 22 ? ? OP2   B DG 22 ? ? 100.08 105.70 -5.62 0.90 N 
28 1 "C3'" B DG 22 ? ? "C2'" B DG 22 ? ? "C1'" B DG 22 ? ? 97.25  102.40 -5.15 0.80 N 
29 1 C5    B DG 22 ? ? C6    B DG 22 ? ? O6    B DG 22 ? ? 124.68 128.60 -3.92 0.60 N 
30 1 "C3'" B DG 22 ? ? "O3'" B DG 22 ? ? P     B DC 23 ? ? 128.22 119.70 8.52  1.20 Y 
31 1 "O3'" B DG 22 ? ? P     B DC 23 ? ? OP2   B DC 23 ? ? 117.15 110.50 6.65  1.10 Y 
32 1 "O4'" B DC 23 ? ? "C1'" B DC 23 ? ? N1    B DC 23 ? ? 114.85 108.30 6.55  0.30 N 
33 1 "O4'" B DG 24 ? ? "C4'" B DG 24 ? ? "C3'" B DG 24 ? ? 100.46 104.50 -4.04 0.40 N 
# 
_struct_site_keywords.site_id   1 
_struct_site_keywords.text      'MINOR GROOVE BINDER' 
# 
loop_
_chem_comp_atom.comp_id 
_chem_comp_atom.atom_id 
_chem_comp_atom.type_symbol 
_chem_comp_atom.pdbx_aromatic_flag 
_chem_comp_atom.pdbx_stereo_config 
_chem_comp_atom.pdbx_ordinal 
881 NAA    N  N N 1   
881 NAB    N  N N 2   
881 CAC    C  Y N 3   
881 CAD    C  Y N 4   
881 CAE    C  Y N 5   
881 CAF    C  Y N 6   
881 CAG    C  Y N 7   
881 CAH    C  Y N 8   
881 CAI    C  Y N 9   
881 CAJ    C  Y N 10  
881 CAK    C  Y N 11  
881 CAL    C  Y N 12  
881 CAM    C  Y N 13  
881 CAN    C  Y N 14  
881 CAO    C  Y N 15  
881 CAP    C  Y N 16  
881 CAQ    C  Y N 17  
881 CAR    C  Y N 18  
881 CAS    C  N N 19  
881 CAT    C  N N 20  
881 CAU    C  N N 21  
881 CAV    C  N N 22  
881 CAW    C  N N 23  
881 CAX    C  N N 24  
881 CAY    C  N N 25  
881 CAZ    C  N N 26  
881 NBA    N  Y N 27  
881 NBB    N  Y N 28  
881 NBC    N  N N 29  
881 NBD    N  N N 30  
881 NBE    N  N N 31  
881 NBF    N  N N 32  
881 OBG    O  N N 33  
881 OBH    O  N N 34  
881 OBI    O  Y N 35  
881 CBJ    C  N N 36  
881 CBK    C  N N 37  
881 CBL    C  Y N 38  
881 CBM    C  Y N 39  
881 CBN    C  Y N 40  
881 CBO    C  Y N 41  
881 CBP    C  Y N 42  
881 CBQ    C  Y N 43  
881 CBR    C  Y N 44  
881 CBS    C  Y N 45  
881 CBT    C  Y N 46  
881 CBU    C  Y N 47  
881 CBV    C  N N 48  
881 CBW    C  N N 49  
881 HNAA   H  N N 50  
881 HNAB   H  N N 51  
881 HNAC   H  N N 52  
881 HNAD   H  N N 53  
881 HAC    H  N N 54  
881 HAD    H  N N 55  
881 HAE    H  N N 56  
881 HAF    H  N N 57  
881 HAG    H  N N 58  
881 HAH    H  N N 59  
881 HAI    H  N N 60  
881 HAJ    H  N N 61  
881 HAK    H  N N 62  
881 HAL    H  N N 63  
881 HAM    H  N N 64  
881 HAN    H  N N 65  
881 HAO    H  N N 66  
881 HAP    H  N N 67  
881 HAQ    H  N N 68  
881 HAR    H  N N 69  
881 HAS    H  N N 70  
881 HASA   H  N N 71  
881 HAT    H  N N 72  
881 HATA   H  N N 73  
881 HAU    H  N N 74  
881 HAUA   H  N N 75  
881 HAV    H  N N 76  
881 HAVA   H  N N 77  
881 HAW    H  N N 78  
881 HAWA   H  N N 79  
881 HAX    H  N N 80  
881 HAXA   H  N N 81  
881 HAY    H  N N 82  
881 HAYA   H  N N 83  
881 HAZ    H  N N 84  
881 HAZA   H  N N 85  
881 HNBC   H  N N 86  
881 HNBD   H  N N 87  
881 HBV    H  N N 88  
881 HBW    H  N N 89  
DA  OP3    O  N N 90  
DA  P      P  N N 91  
DA  OP1    O  N N 92  
DA  OP2    O  N N 93  
DA  "O5'"  O  N N 94  
DA  "C5'"  C  N N 95  
DA  "C4'"  C  N R 96  
DA  "O4'"  O  N N 97  
DA  "C3'"  C  N S 98  
DA  "O3'"  O  N N 99  
DA  "C2'"  C  N N 100 
DA  "C1'"  C  N R 101 
DA  N9     N  Y N 102 
DA  C8     C  Y N 103 
DA  N7     N  Y N 104 
DA  C5     C  Y N 105 
DA  C6     C  Y N 106 
DA  N6     N  N N 107 
DA  N1     N  Y N 108 
DA  C2     C  Y N 109 
DA  N3     N  Y N 110 
DA  C4     C  Y N 111 
DA  HOP3   H  N N 112 
DA  HOP2   H  N N 113 
DA  "H5'"  H  N N 114 
DA  "H5''" H  N N 115 
DA  "H4'"  H  N N 116 
DA  "H3'"  H  N N 117 
DA  "HO3'" H  N N 118 
DA  "H2'"  H  N N 119 
DA  "H2''" H  N N 120 
DA  "H1'"  H  N N 121 
DA  H8     H  N N 122 
DA  H61    H  N N 123 
DA  H62    H  N N 124 
DA  H2     H  N N 125 
DC  OP3    O  N N 126 
DC  P      P  N N 127 
DC  OP1    O  N N 128 
DC  OP2    O  N N 129 
DC  "O5'"  O  N N 130 
DC  "C5'"  C  N N 131 
DC  "C4'"  C  N R 132 
DC  "O4'"  O  N N 133 
DC  "C3'"  C  N S 134 
DC  "O3'"  O  N N 135 
DC  "C2'"  C  N N 136 
DC  "C1'"  C  N R 137 
DC  N1     N  N N 138 
DC  C2     C  N N 139 
DC  O2     O  N N 140 
DC  N3     N  N N 141 
DC  C4     C  N N 142 
DC  N4     N  N N 143 
DC  C5     C  N N 144 
DC  C6     C  N N 145 
DC  HOP3   H  N N 146 
DC  HOP2   H  N N 147 
DC  "H5'"  H  N N 148 
DC  "H5''" H  N N 149 
DC  "H4'"  H  N N 150 
DC  "H3'"  H  N N 151 
DC  "HO3'" H  N N 152 
DC  "H2'"  H  N N 153 
DC  "H2''" H  N N 154 
DC  "H1'"  H  N N 155 
DC  H41    H  N N 156 
DC  H42    H  N N 157 
DC  H5     H  N N 158 
DC  H6     H  N N 159 
DG  OP3    O  N N 160 
DG  P      P  N N 161 
DG  OP1    O  N N 162 
DG  OP2    O  N N 163 
DG  "O5'"  O  N N 164 
DG  "C5'"  C  N N 165 
DG  "C4'"  C  N R 166 
DG  "O4'"  O  N N 167 
DG  "C3'"  C  N S 168 
DG  "O3'"  O  N N 169 
DG  "C2'"  C  N N 170 
DG  "C1'"  C  N R 171 
DG  N9     N  Y N 172 
DG  C8     C  Y N 173 
DG  N7     N  Y N 174 
DG  C5     C  Y N 175 
DG  C6     C  N N 176 
DG  O6     O  N N 177 
DG  N1     N  N N 178 
DG  C2     C  N N 179 
DG  N2     N  N N 180 
DG  N3     N  N N 181 
DG  C4     C  Y N 182 
DG  HOP3   H  N N 183 
DG  HOP2   H  N N 184 
DG  "H5'"  H  N N 185 
DG  "H5''" H  N N 186 
DG  "H4'"  H  N N 187 
DG  "H3'"  H  N N 188 
DG  "HO3'" H  N N 189 
DG  "H2'"  H  N N 190 
DG  "H2''" H  N N 191 
DG  "H1'"  H  N N 192 
DG  H8     H  N N 193 
DG  H1     H  N N 194 
DG  H21    H  N N 195 
DG  H22    H  N N 196 
DT  OP3    O  N N 197 
DT  P      P  N N 198 
DT  OP1    O  N N 199 
DT  OP2    O  N N 200 
DT  "O5'"  O  N N 201 
DT  "C5'"  C  N N 202 
DT  "C4'"  C  N R 203 
DT  "O4'"  O  N N 204 
DT  "C3'"  C  N S 205 
DT  "O3'"  O  N N 206 
DT  "C2'"  C  N N 207 
DT  "C1'"  C  N R 208 
DT  N1     N  N N 209 
DT  C2     C  N N 210 
DT  O2     O  N N 211 
DT  N3     N  N N 212 
DT  C4     C  N N 213 
DT  O4     O  N N 214 
DT  C5     C  N N 215 
DT  C7     C  N N 216 
DT  C6     C  N N 217 
DT  HOP3   H  N N 218 
DT  HOP2   H  N N 219 
DT  "H5'"  H  N N 220 
DT  "H5''" H  N N 221 
DT  "H4'"  H  N N 222 
DT  "H3'"  H  N N 223 
DT  "HO3'" H  N N 224 
DT  "H2'"  H  N N 225 
DT  "H2''" H  N N 226 
DT  "H1'"  H  N N 227 
DT  H3     H  N N 228 
DT  H71    H  N N 229 
DT  H72    H  N N 230 
DT  H73    H  N N 231 
DT  H6     H  N N 232 
HOH O      O  N N 233 
HOH H1     H  N N 234 
HOH H2     H  N N 235 
MG  MG     MG N N 236 
# 
loop_
_chem_comp_bond.comp_id 
_chem_comp_bond.atom_id_1 
_chem_comp_bond.atom_id_2 
_chem_comp_bond.value_order 
_chem_comp_bond.pdbx_aromatic_flag 
_chem_comp_bond.pdbx_stereo_config 
_chem_comp_bond.pdbx_ordinal 
881 NAA   CBJ    sing N N 1   
881 NAB   CBK    sing N N 2   
881 CAC   CAE    doub Y N 3   
881 CAC   CAG    sing Y N 4   
881 CAD   CAF    doub Y N 5   
881 CAD   CAH    sing Y N 6   
881 CAE   CAI    sing Y N 7   
881 CAF   CAJ    sing Y N 8   
881 CAG   NBA    doub Y N 9   
881 CAH   NBB    doub Y N 10  
881 CAI   CBN    doub Y N 11  
881 CAJ   CBO    doub Y N 12  
881 CAK   CAO    doub Y N 13  
881 CAK   CBL    sing Y N 14  
881 CAL   CAP    doub Y N 15  
881 CAL   CBM    sing Y N 16  
881 CAM   CAN    sing Y N 17  
881 CAM   CBR    doub Y N 18  
881 CAN   CBS    doub Y N 19  
881 CAO   CBT    sing Y N 20  
881 CAP   CBU    sing Y N 21  
881 CAQ   CBL    doub Y N 22  
881 CAQ   CBP    sing Y N 23  
881 CAR   CBM    doub Y N 24  
881 CAR   CBQ    sing Y N 25  
881 CAS   CAW    sing N N 26  
881 CAS   NBC    sing N N 27  
881 CAT   CAX    sing N N 28  
881 CAT   NBC    sing N N 29  
881 CAU   CAY    sing N N 30  
881 CAU   NBD    sing N N 31  
881 CAV   CAZ    sing N N 32  
881 CAV   NBD    sing N N 33  
881 CAW   CBV    sing N N 34  
881 CAX   CBV    sing N N 35  
881 CAY   CBW    sing N N 36  
881 CAZ   CBW    sing N N 37  
881 NBA   CBN    sing Y N 38  
881 NBB   CBO    sing Y N 39  
881 NBE   CBJ    doub N N 40  
881 NBE   CBL    sing N N 41  
881 NBF   CBK    doub N N 42  
881 NBF   CBM    sing N N 43  
881 OBG   CBP    sing N N 44  
881 OBG   CBV    sing N N 45  
881 OBH   CBQ    sing N N 46  
881 OBH   CBW    sing N N 47  
881 OBI   CBR    sing Y N 48  
881 OBI   CBS    sing Y N 49  
881 CBJ   CBN    sing N N 50  
881 CBK   CBO    sing N N 51  
881 CBP   CBT    doub Y N 52  
881 CBQ   CBU    doub Y N 53  
881 CBR   CBT    sing Y N 54  
881 CBS   CBU    sing Y N 55  
881 NAA   HNAA   sing N N 56  
881 NAA   HNAB   sing N N 57  
881 NAB   HNAC   sing N N 58  
881 NAB   HNAD   sing N N 59  
881 CAC   HAC    sing N N 60  
881 CAD   HAD    sing N N 61  
881 CAE   HAE    sing N N 62  
881 CAF   HAF    sing N N 63  
881 CAG   HAG    sing N N 64  
881 CAH   HAH    sing N N 65  
881 CAI   HAI    sing N N 66  
881 CAJ   HAJ    sing N N 67  
881 CAK   HAK    sing N N 68  
881 CAL   HAL    sing N N 69  
881 CAM   HAM    sing N N 70  
881 CAN   HAN    sing N N 71  
881 CAO   HAO    sing N N 72  
881 CAP   HAP    sing N N 73  
881 CAQ   HAQ    sing N N 74  
881 CAR   HAR    sing N N 75  
881 CAS   HAS    sing N N 76  
881 CAS   HASA   sing N N 77  
881 CAT   HAT    sing N N 78  
881 CAT   HATA   sing N N 79  
881 CAU   HAU    sing N N 80  
881 CAU   HAUA   sing N N 81  
881 CAV   HAV    sing N N 82  
881 CAV   HAVA   sing N N 83  
881 CAW   HAW    sing N N 84  
881 CAW   HAWA   sing N N 85  
881 CAX   HAX    sing N N 86  
881 CAX   HAXA   sing N N 87  
881 CAY   HAY    sing N N 88  
881 CAY   HAYA   sing N N 89  
881 CAZ   HAZ    sing N N 90  
881 CAZ   HAZA   sing N N 91  
881 NBC   HNBC   sing N N 92  
881 NBD   HNBD   sing N N 93  
881 CBV   HBV    sing N N 94  
881 CBW   HBW    sing N N 95  
DA  OP3   P      sing N N 96  
DA  OP3   HOP3   sing N N 97  
DA  P     OP1    doub N N 98  
DA  P     OP2    sing N N 99  
DA  P     "O5'"  sing N N 100 
DA  OP2   HOP2   sing N N 101 
DA  "O5'" "C5'"  sing N N 102 
DA  "C5'" "C4'"  sing N N 103 
DA  "C5'" "H5'"  sing N N 104 
DA  "C5'" "H5''" sing N N 105 
DA  "C4'" "O4'"  sing N N 106 
DA  "C4'" "C3'"  sing N N 107 
DA  "C4'" "H4'"  sing N N 108 
DA  "O4'" "C1'"  sing N N 109 
DA  "C3'" "O3'"  sing N N 110 
DA  "C3'" "C2'"  sing N N 111 
DA  "C3'" "H3'"  sing N N 112 
DA  "O3'" "HO3'" sing N N 113 
DA  "C2'" "C1'"  sing N N 114 
DA  "C2'" "H2'"  sing N N 115 
DA  "C2'" "H2''" sing N N 116 
DA  "C1'" N9     sing N N 117 
DA  "C1'" "H1'"  sing N N 118 
DA  N9    C8     sing Y N 119 
DA  N9    C4     sing Y N 120 
DA  C8    N7     doub Y N 121 
DA  C8    H8     sing N N 122 
DA  N7    C5     sing Y N 123 
DA  C5    C6     sing Y N 124 
DA  C5    C4     doub Y N 125 
DA  C6    N6     sing N N 126 
DA  C6    N1     doub Y N 127 
DA  N6    H61    sing N N 128 
DA  N6    H62    sing N N 129 
DA  N1    C2     sing Y N 130 
DA  C2    N3     doub Y N 131 
DA  C2    H2     sing N N 132 
DA  N3    C4     sing Y N 133 
DC  OP3   P      sing N N 134 
DC  OP3   HOP3   sing N N 135 
DC  P     OP1    doub N N 136 
DC  P     OP2    sing N N 137 
DC  P     "O5'"  sing N N 138 
DC  OP2   HOP2   sing N N 139 
DC  "O5'" "C5'"  sing N N 140 
DC  "C5'" "C4'"  sing N N 141 
DC  "C5'" "H5'"  sing N N 142 
DC  "C5'" "H5''" sing N N 143 
DC  "C4'" "O4'"  sing N N 144 
DC  "C4'" "C3'"  sing N N 145 
DC  "C4'" "H4'"  sing N N 146 
DC  "O4'" "C1'"  sing N N 147 
DC  "C3'" "O3'"  sing N N 148 
DC  "C3'" "C2'"  sing N N 149 
DC  "C3'" "H3'"  sing N N 150 
DC  "O3'" "HO3'" sing N N 151 
DC  "C2'" "C1'"  sing N N 152 
DC  "C2'" "H2'"  sing N N 153 
DC  "C2'" "H2''" sing N N 154 
DC  "C1'" N1     sing N N 155 
DC  "C1'" "H1'"  sing N N 156 
DC  N1    C2     sing N N 157 
DC  N1    C6     sing N N 158 
DC  C2    O2     doub N N 159 
DC  C2    N3     sing N N 160 
DC  N3    C4     doub N N 161 
DC  C4    N4     sing N N 162 
DC  C4    C5     sing N N 163 
DC  N4    H41    sing N N 164 
DC  N4    H42    sing N N 165 
DC  C5    C6     doub N N 166 
DC  C5    H5     sing N N 167 
DC  C6    H6     sing N N 168 
DG  OP3   P      sing N N 169 
DG  OP3   HOP3   sing N N 170 
DG  P     OP1    doub N N 171 
DG  P     OP2    sing N N 172 
DG  P     "O5'"  sing N N 173 
DG  OP2   HOP2   sing N N 174 
DG  "O5'" "C5'"  sing N N 175 
DG  "C5'" "C4'"  sing N N 176 
DG  "C5'" "H5'"  sing N N 177 
DG  "C5'" "H5''" sing N N 178 
DG  "C4'" "O4'"  sing N N 179 
DG  "C4'" "C3'"  sing N N 180 
DG  "C4'" "H4'"  sing N N 181 
DG  "O4'" "C1'"  sing N N 182 
DG  "C3'" "O3'"  sing N N 183 
DG  "C3'" "C2'"  sing N N 184 
DG  "C3'" "H3'"  sing N N 185 
DG  "O3'" "HO3'" sing N N 186 
DG  "C2'" "C1'"  sing N N 187 
DG  "C2'" "H2'"  sing N N 188 
DG  "C2'" "H2''" sing N N 189 
DG  "C1'" N9     sing N N 190 
DG  "C1'" "H1'"  sing N N 191 
DG  N9    C8     sing Y N 192 
DG  N9    C4     sing Y N 193 
DG  C8    N7     doub Y N 194 
DG  C8    H8     sing N N 195 
DG  N7    C5     sing Y N 196 
DG  C5    C6     sing N N 197 
DG  C5    C4     doub Y N 198 
DG  C6    O6     doub N N 199 
DG  C6    N1     sing N N 200 
DG  N1    C2     sing N N 201 
DG  N1    H1     sing N N 202 
DG  C2    N2     sing N N 203 
DG  C2    N3     doub N N 204 
DG  N2    H21    sing N N 205 
DG  N2    H22    sing N N 206 
DG  N3    C4     sing N N 207 
DT  OP3   P      sing N N 208 
DT  OP3   HOP3   sing N N 209 
DT  P     OP1    doub N N 210 
DT  P     OP2    sing N N 211 
DT  P     "O5'"  sing N N 212 
DT  OP2   HOP2   sing N N 213 
DT  "O5'" "C5'"  sing N N 214 
DT  "C5'" "C4'"  sing N N 215 
DT  "C5'" "H5'"  sing N N 216 
DT  "C5'" "H5''" sing N N 217 
DT  "C4'" "O4'"  sing N N 218 
DT  "C4'" "C3'"  sing N N 219 
DT  "C4'" "H4'"  sing N N 220 
DT  "O4'" "C1'"  sing N N 221 
DT  "C3'" "O3'"  sing N N 222 
DT  "C3'" "C2'"  sing N N 223 
DT  "C3'" "H3'"  sing N N 224 
DT  "O3'" "HO3'" sing N N 225 
DT  "C2'" "C1'"  sing N N 226 
DT  "C2'" "H2'"  sing N N 227 
DT  "C2'" "H2''" sing N N 228 
DT  "C1'" N1     sing N N 229 
DT  "C1'" "H1'"  sing N N 230 
DT  N1    C2     sing N N 231 
DT  N1    C6     sing N N 232 
DT  C2    O2     doub N N 233 
DT  C2    N3     sing N N 234 
DT  N3    C4     sing N N 235 
DT  N3    H3     sing N N 236 
DT  C4    O4     doub N N 237 
DT  C4    C5     sing N N 238 
DT  C5    C7     sing N N 239 
DT  C5    C6     doub N N 240 
DT  C7    H71    sing N N 241 
DT  C7    H72    sing N N 242 
DT  C7    H73    sing N N 243 
DT  C6    H6     sing N N 244 
HOH O     H1     sing N N 245 
HOH O     H2     sing N N 246 
# 
loop_
_ndb_struct_conf_na.entry_id 
_ndb_struct_conf_na.feature 
3OIE 'double helix'        
3OIE 'b-form double helix' 
# 
loop_
_ndb_struct_na_base_pair.model_number 
_ndb_struct_na_base_pair.i_label_asym_id 
_ndb_struct_na_base_pair.i_label_comp_id 
_ndb_struct_na_base_pair.i_label_seq_id 
_ndb_struct_na_base_pair.i_symmetry 
_ndb_struct_na_base_pair.j_label_asym_id 
_ndb_struct_na_base_pair.j_label_comp_id 
_ndb_struct_na_base_pair.j_label_seq_id 
_ndb_struct_na_base_pair.j_symmetry 
_ndb_struct_na_base_pair.shear 
_ndb_struct_na_base_pair.stretch 
_ndb_struct_na_base_pair.stagger 
_ndb_struct_na_base_pair.buckle 
_ndb_struct_na_base_pair.propeller 
_ndb_struct_na_base_pair.opening 
_ndb_struct_na_base_pair.pair_number 
_ndb_struct_na_base_pair.pair_name 
_ndb_struct_na_base_pair.i_auth_asym_id 
_ndb_struct_na_base_pair.i_auth_seq_id 
_ndb_struct_na_base_pair.i_PDB_ins_code 
_ndb_struct_na_base_pair.j_auth_asym_id 
_ndb_struct_na_base_pair.j_auth_seq_id 
_ndb_struct_na_base_pair.j_PDB_ins_code 
_ndb_struct_na_base_pair.hbond_type_28 
_ndb_struct_na_base_pair.hbond_type_12 
1 A DC 1  1_555 B DG 12 1_555 0.104  -0.300 -0.727 6.573  13.946  -1.644 1  A_DC1:DG24_B  A 1  ? B 24 ? 19 1 
1 A DG 2  1_555 B DC 11 1_555 -0.173 -0.167 0.327  -6.550 -10.220 -3.517 2  A_DG2:DC23_B  A 2  ? B 23 ? 19 1 
1 A DC 3  1_555 B DG 10 1_555 0.212  -0.149 0.183  -5.629 -4.679  -0.569 3  A_DC3:DG22_B  A 3  ? B 22 ? 19 1 
1 A DG 4  1_555 B DC 9  1_555 -0.170 -0.212 -0.051 7.884  -11.704 -0.617 4  A_DG4:DC21_B  A 4  ? B 21 ? 19 1 
1 A DA 5  1_555 B DT 8  1_555 0.152  -0.299 -0.057 3.906  -8.041  -1.206 5  A_DA5:DT20_B  A 5  ? B 20 ? 20 1 
1 A DA 6  1_555 B DT 7  1_555 0.048  -0.020 0.231  6.421  -14.092 5.860  6  A_DA6:DT19_B  A 6  ? B 19 ? 20 1 
1 A DT 7  1_555 B DA 6  1_555 0.046  -0.184 0.088  0.668  -15.907 6.081  7  A_DT7:DA18_B  A 7  ? B 18 ? 20 1 
1 A DT 8  1_555 B DA 5  1_555 0.124  -0.261 -0.032 -7.853 -20.081 7.022  8  A_DT8:DA17_B  A 8  ? B 17 ? 20 1 
1 A DC 9  1_555 B DG 4  1_555 0.238  -0.214 -0.242 -7.214 -1.853  -1.198 9  A_DC9:DG16_B  A 9  ? B 16 ? 19 1 
1 A DG 10 1_555 B DC 3  1_555 -0.038 0.132  0.307  4.785  -6.593  3.060  10 A_DG10:DC15_B A 10 ? B 15 ? 19 1 
1 A DC 11 1_555 B DG 2  1_555 0.159  -0.194 0.303  -0.117 -12.234 -4.067 11 A_DC11:DG14_B A 11 ? B 14 ? 19 1 
1 A DG 12 1_555 B DC 1  1_555 0.230  -0.229 0.103  11.283 -0.413  -1.813 12 A_DG12:DC13_B A 12 ? B 13 ? 19 1 
# 
loop_
_ndb_struct_na_base_pair_step.model_number 
_ndb_struct_na_base_pair_step.i_label_asym_id_1 
_ndb_struct_na_base_pair_step.i_label_comp_id_1 
_ndb_struct_na_base_pair_step.i_label_seq_id_1 
_ndb_struct_na_base_pair_step.i_symmetry_1 
_ndb_struct_na_base_pair_step.j_label_asym_id_1 
_ndb_struct_na_base_pair_step.j_label_comp_id_1 
_ndb_struct_na_base_pair_step.j_label_seq_id_1 
_ndb_struct_na_base_pair_step.j_symmetry_1 
_ndb_struct_na_base_pair_step.i_label_asym_id_2 
_ndb_struct_na_base_pair_step.i_label_comp_id_2 
_ndb_struct_na_base_pair_step.i_label_seq_id_2 
_ndb_struct_na_base_pair_step.i_symmetry_2 
_ndb_struct_na_base_pair_step.j_label_asym_id_2 
_ndb_struct_na_base_pair_step.j_label_comp_id_2 
_ndb_struct_na_base_pair_step.j_label_seq_id_2 
_ndb_struct_na_base_pair_step.j_symmetry_2 
_ndb_struct_na_base_pair_step.shift 
_ndb_struct_na_base_pair_step.slide 
_ndb_struct_na_base_pair_step.rise 
_ndb_struct_na_base_pair_step.tilt 
_ndb_struct_na_base_pair_step.roll 
_ndb_struct_na_base_pair_step.twist 
_ndb_struct_na_base_pair_step.x_displacement 
_ndb_struct_na_base_pair_step.y_displacement 
_ndb_struct_na_base_pair_step.helical_rise 
_ndb_struct_na_base_pair_step.inclination 
_ndb_struct_na_base_pair_step.tip 
_ndb_struct_na_base_pair_step.helical_twist 
_ndb_struct_na_base_pair_step.step_number 
_ndb_struct_na_base_pair_step.step_name 
_ndb_struct_na_base_pair_step.i_auth_asym_id_1 
_ndb_struct_na_base_pair_step.i_auth_seq_id_1 
_ndb_struct_na_base_pair_step.i_PDB_ins_code_1 
_ndb_struct_na_base_pair_step.j_auth_asym_id_1 
_ndb_struct_na_base_pair_step.j_auth_seq_id_1 
_ndb_struct_na_base_pair_step.j_PDB_ins_code_1 
_ndb_struct_na_base_pair_step.i_auth_asym_id_2 
_ndb_struct_na_base_pair_step.i_auth_seq_id_2 
_ndb_struct_na_base_pair_step.i_PDB_ins_code_2 
_ndb_struct_na_base_pair_step.j_auth_asym_id_2 
_ndb_struct_na_base_pair_step.j_auth_seq_id_2 
_ndb_struct_na_base_pair_step.j_PDB_ins_code_2 
1 A DC 1  1_555 B DG 12 1_555 A DG 2  1_555 B DC 11 1_555 -1.342 -0.897 3.853 -8.754 -10.711 32.554 0.545  0.558  4.151 -18.121 
14.811 35.298 1  AA_DC1DG2:DC23DG24_BB   A 1  ? B 24 ? A 2  ? B 23 ? 
1 A DG 2  1_555 B DC 11 1_555 A DC 3  1_555 B DG 10 1_555 0.599  0.170  3.385 3.453  2.430   39.147 -0.048 -0.462 3.428 3.614   
-5.134 39.365 2  AA_DG2DC3:DG22DC23_BB   A 2  ? B 23 ? A 3  ? B 22 ? 
1 A DC 3  1_555 B DG 10 1_555 A DG 4  1_555 B DC 9  1_555 -0.441 0.870  3.145 3.273  8.904   29.141 -0.102 1.479  3.198 17.133  
-6.299 30.614 3  AA_DC3DG4:DC21DG22_BB   A 3  ? B 22 ? A 4  ? B 21 ? 
1 A DG 4  1_555 B DC 9  1_555 A DA 5  1_555 B DT 8  1_555 0.994  0.104  3.363 3.132  -1.143  36.631 0.326  -1.131 3.429 -1.813  
-4.970 36.777 4  AA_DG4DA5:DT20DC21_BB   A 4  ? B 21 ? A 5  ? B 20 ? 
1 A DA 5  1_555 B DT 8  1_555 A DA 6  1_555 B DT 7  1_555 -0.496 0.106  3.199 -3.378 2.982   34.489 -0.271 0.321  3.229 5.002   
5.667  34.773 5  AA_DA5DA6:DT19DT20_BB   A 5  ? B 20 ? A 6  ? B 19 ? 
1 A DA 6  1_555 B DT 7  1_555 A DT 7  1_555 B DA 6  1_555 -0.036 -0.676 3.376 1.491  0.500   34.474 -1.220 0.299  3.362 0.843   
-2.514 34.509 6  AA_DA6DT7:DA18DT19_BB   A 6  ? B 19 ? A 7  ? B 18 ? 
1 A DT 7  1_555 B DA 6  1_555 A DT 8  1_555 B DA 5  1_555 -0.081 -0.174 3.415 1.759  2.715   36.434 -0.666 0.381  3.386 4.332   
-2.806 36.573 7  AA_DT7DT8:DA17DA18_BB   A 7  ? B 18 ? A 8  ? B 17 ? 
1 A DT 8  1_555 B DA 5  1_555 A DC 9  1_555 B DG 4  1_555 0.489  0.735  3.387 3.345  3.854   39.110 0.611  -0.309 3.470 5.727   
-4.971 39.428 8  AA_DT8DC9:DG16DA17_BB   A 8  ? B 17 ? A 9  ? B 16 ? 
1 A DC 9  1_555 B DG 4  1_555 A DG 10 1_555 B DC 3  1_555 -0.257 1.056  3.157 -6.321 1.688   31.706 1.602  -0.635 3.197 3.049   
11.417 32.357 9  AA_DC9DG10:DC15DG16_BB  A 9  ? B 16 ? A 10 ? B 15 ? 
1 A DG 10 1_555 B DC 3  1_555 A DC 11 1_555 B DG 2  1_555 -1.469 0.862  3.467 -2.474 -7.660  43.411 1.904  1.712  3.351 -10.250 
3.310  44.115 10 AA_DG10DC11:DG14DC15_BB A 10 ? B 15 ? A 11 ? B 14 ? 
1 A DC 11 1_555 B DG 2  1_555 A DG 12 1_555 B DC 1  1_555 1.287  0.862  3.259 2.225  -3.662  33.973 2.038  -1.838 3.227 -6.236  
-3.789 34.234 11 AA_DC11DG12:DC13DG14_BB A 11 ? B 14 ? A 12 ? B 13 ? 
# 
_atom_sites.entry_id                    3OIE 
_atom_sites.fract_transf_matrix[1][1]   -0.00984360 
_atom_sites.fract_transf_matrix[1][2]   0.03474594 
_atom_sites.fract_transf_matrix[1][3]   0.02038587 
_atom_sites.fract_transf_matrix[2][1]   -0.02508859 
_atom_sites.fract_transf_matrix[2][2]   -0.00693054 
_atom_sites.fract_transf_matrix[2][3]   -0.00030188 
_atom_sites.fract_transf_matrix[3][1]   0.00183024 
_atom_sites.fract_transf_matrix[3][2]   -0.00719837 
_atom_sites.fract_transf_matrix[3][3]   0.01315275 
_atom_sites.fract_transf_vector[1]      0.569238 
_atom_sites.fract_transf_vector[2]      0.530847 
_atom_sites.fract_transf_vector[3]      0.136010 
# 
loop_
_atom_type.symbol 
C  
MG 
N  
O  
P  
# 
loop_
_atom_site.group_PDB 
_atom_site.id 
_atom_site.type_symbol 
_atom_site.label_atom_id 
_atom_site.label_alt_id 
_atom_site.label_comp_id 
_atom_site.label_asym_id 
_atom_site.label_entity_id 
_atom_site.label_seq_id 
_atom_site.pdbx_PDB_ins_code 
_atom_site.Cartn_x 
_atom_site.Cartn_y 
_atom_site.Cartn_z 
_atom_site.occupancy 
_atom_site.B_iso_or_equiv 
_atom_site.pdbx_formal_charge 
_atom_site.auth_seq_id 
_atom_site.auth_comp_id 
_atom_site.auth_asym_id 
_atom_site.auth_atom_id 
_atom_site.pdbx_PDB_model_num 
ATOM   1   O  "O5'" . DC  A 1 1  ? -10.882 -6.180  15.786  1.00 32.41 ? 1   DC  A "O5'" 1 
ATOM   2   C  "C5'" . DC  A 1 1  ? -10.760 -5.003  15.045  1.00 25.13 ? 1   DC  A "C5'" 1 
ATOM   3   C  "C4'" . DC  A 1 1  ? -9.486  -4.275  15.452  1.00 24.38 ? 1   DC  A "C4'" 1 
ATOM   4   O  "O4'" . DC  A 1 1  ? -8.575  -5.079  16.261  1.00 24.51 ? 1   DC  A "O4'" 1 
ATOM   5   C  "C3'" . DC  A 1 1  ? -8.720  -3.912  14.186  1.00 23.05 ? 1   DC  A "C3'" 1 
ATOM   6   O  "O3'" . DC  A 1 1  ? -8.187  -2.628  14.414  1.00 27.00 ? 1   DC  A "O3'" 1 
ATOM   7   C  "C2'" . DC  A 1 1  ? -7.633  -4.930  14.104  1.00 21.99 ? 1   DC  A "C2'" 1 
ATOM   8   C  "C1'" . DC  A 1 1  ? -7.306  -5.024  15.585  1.00 22.49 ? 1   DC  A "C1'" 1 
ATOM   9   N  N1    . DC  A 1 1  ? -6.489  -6.200  15.803  1.00 22.50 ? 1   DC  A N1    1 
ATOM   10  C  C2    . DC  A 1 1  ? -5.202  -6.061  16.358  1.00 24.81 ? 1   DC  A C2    1 
ATOM   11  O  O2    . DC  A 1 1  ? -4.816  -4.945  16.682  1.00 21.69 ? 1   DC  A O2    1 
ATOM   12  N  N3    . DC  A 1 1  ? -4.428  -7.144  16.524  1.00 26.53 ? 1   DC  A N3    1 
ATOM   13  C  C4    . DC  A 1 1  ? -4.907  -8.346  16.187  1.00 33.64 ? 1   DC  A C4    1 
ATOM   14  N  N4    . DC  A 1 1  ? -4.143  -9.428  16.398  1.00 35.19 ? 1   DC  A N4    1 
ATOM   15  C  C5    . DC  A 1 1  ? -6.203  -8.518  15.604  1.00 31.28 ? 1   DC  A C5    1 
ATOM   16  C  C6    . DC  A 1 1  ? -6.936  -7.421  15.421  1.00 28.45 ? 1   DC  A C6    1 
ATOM   17  P  P     . DG  A 1 2  ? -8.176  -1.478  13.328  1.00 27.84 ? 2   DG  A P     1 
ATOM   18  O  OP1   . DG  A 1 2  ? -9.535  -0.865  13.358  1.00 28.36 ? 2   DG  A OP1   1 
ATOM   19  O  OP2   . DG  A 1 2  ? -7.560  -1.820  12.051  1.00 21.90 ? 2   DG  A OP2   1 
ATOM   20  O  "O5'" . DG  A 1 2  ? -7.142  -0.485  14.068  1.00 25.37 ? 2   DG  A "O5'" 1 
ATOM   21  C  "C5'" . DG  A 1 2  ? -7.262  -0.161  15.459  1.00 23.54 ? 2   DG  A "C5'" 1 
ATOM   22  C  "C4'" . DG  A 1 2  ? -5.900  0.115   16.102  1.00 19.71 ? 2   DG  A "C4'" 1 
ATOM   23  O  "O4'" . DG  A 1 2  ? -5.268  -1.134  16.450  1.00 19.79 ? 2   DG  A "O4'" 1 
ATOM   24  C  "C3'" . DG  A 1 2  ? -4.929  0.853   15.205  1.00 21.95 ? 2   DG  A "C3'" 1 
ATOM   25  O  "O3'" . DG  A 1 2  ? -4.926  2.191   15.520  1.00 20.79 ? 2   DG  A "O3'" 1 
ATOM   26  C  "C2'" . DG  A 1 2  ? -3.555  0.326   15.583  1.00 20.85 ? 2   DG  A "C2'" 1 
ATOM   27  C  "C1'" . DG  A 1 2  ? -3.879  -1.038  16.076  1.00 16.74 ? 2   DG  A "C1'" 1 
ATOM   28  N  N9    . DG  A 1 2  ? -3.592  -2.192  15.221  1.00 19.44 ? 2   DG  A N9    1 
ATOM   29  C  C8    . DG  A 1 2  ? -4.460  -2.942  14.468  1.00 18.20 ? 2   DG  A C8    1 
ATOM   30  N  N7    . DG  A 1 2  ? -3.904  -3.972  13.900  1.00 17.00 ? 2   DG  A N7    1 
ATOM   31  C  C5    . DG  A 1 2  ? -2.561  -3.910  14.302  1.00 16.15 ? 2   DG  A C5    1 
ATOM   32  C  C6    . DG  A 1 2  ? -1.455  -4.755  14.045  1.00 13.68 ? 2   DG  A C6    1 
ATOM   33  O  O6    . DG  A 1 2  ? -1.450  -5.780  13.359  1.00 13.88 ? 2   DG  A O6    1 
ATOM   34  N  N1    . DG  A 1 2  ? -0.259  -4.296  14.662  1.00 11.05 ? 2   DG  A N1    1 
ATOM   35  C  C2    . DG  A 1 2  ? -0.142  -3.156  15.418  1.00 13.42 ? 2   DG  A C2    1 
ATOM   36  N  N2    . DG  A 1 2  ? 1.061   -2.834  15.946  1.00 11.23 ? 2   DG  A N2    1 
ATOM   37  N  N3    . DG  A 1 2  ? -1.193  -2.387  15.695  1.00 16.17 ? 2   DG  A N3    1 
ATOM   38  C  C4    . DG  A 1 2  ? -2.346  -2.804  15.096  1.00 17.16 ? 2   DG  A C4    1 
ATOM   39  P  P     . DC  A 1 3  ? -4.642  3.257   14.395  1.00 24.87 ? 3   DC  A P     1 
ATOM   40  O  OP1   . DC  A 1 3  ? -5.002  4.563   14.924  1.00 30.31 ? 3   DC  A OP1   1 
ATOM   41  O  OP2   . DC  A 1 3  ? -5.228  2.750   13.154  1.00 24.92 ? 3   DC  A OP2   1 
ATOM   42  O  "O5'" . DC  A 1 3  ? -3.033  3.361   14.183  1.00 22.63 ? 3   DC  A "O5'" 1 
ATOM   43  C  "C5'" . DC  A 1 3  ? -2.153  3.629   15.291  1.00 18.13 ? 3   DC  A "C5'" 1 
ATOM   44  C  "C4'" . DC  A 1 3  ? -0.743  3.074   14.974  1.00 15.52 ? 3   DC  A "C4'" 1 
ATOM   45  O  "O4'" . DC  A 1 3  ? -0.744  1.629   14.808  1.00 16.52 ? 3   DC  A "O4'" 1 
ATOM   46  C  "C3'" . DC  A 1 3  ? -0.266  3.611   13.673  1.00 18.18 ? 3   DC  A "C3'" 1 
ATOM   47  O  "O3'" . DC  A 1 3  ? 0.730   4.475   14.003  1.00 20.39 ? 3   DC  A "O3'" 1 
ATOM   48  C  "C2'" . DC  A 1 3  ? 0.430   2.496   12.938  1.00 19.65 ? 3   DC  A "C2'" 1 
ATOM   49  C  "C1'" . DC  A 1 3  ? 0.049   1.271   13.703  1.00 17.90 ? 3   DC  A "C1'" 1 
ATOM   50  N  N1    . DC  A 1 3  ? -0.658  0.216   12.890  1.00 15.92 ? 3   DC  A N1    1 
ATOM   51  C  C2    . DC  A 1 3  ? 0.107   -0.923  12.532  1.00 16.22 ? 3   DC  A C2    1 
ATOM   52  O  O2    . DC  A 1 3  ? 1.323   -0.962  12.836  1.00 16.01 ? 3   DC  A O2    1 
ATOM   53  N  N3    . DC  A 1 3  ? -0.519  -1.921  11.863  1.00 13.07 ? 3   DC  A N3    1 
ATOM   54  C  C4    . DC  A 1 3  ? -1.837  -1.794  11.507  1.00 15.97 ? 3   DC  A C4    1 
ATOM   55  N  N4    . DC  A 1 3  ? -2.484  -2.782  10.839  1.00 12.95 ? 3   DC  A N4    1 
ATOM   56  C  C5    . DC  A 1 3  ? -2.612  -0.637  11.898  1.00 16.77 ? 3   DC  A C5    1 
ATOM   57  C  C6    . DC  A 1 3  ? -1.970  0.318   12.575  1.00 16.30 ? 3   DC  A C6    1 
ATOM   58  P  P     . DG  A 1 4  ? 1.163   5.556   12.931  1.00 23.71 ? 4   DG  A P     1 
ATOM   59  O  OP1   . DG  A 1 4  ? 1.611   6.667   13.828  1.00 25.99 ? 4   DG  A OP1   1 
ATOM   60  O  OP2   . DG  A 1 4  ? 0.239   5.649   11.765  1.00 22.65 ? 4   DG  A OP2   1 
ATOM   61  O  "O5'" . DG  A 1 4  ? 2.517   4.898   12.352  1.00 19.74 ? 4   DG  A "O5'" 1 
ATOM   62  C  "C5'" . DG  A 1 4  ? 3.502   4.429   13.238  1.00 16.67 ? 4   DG  A "C5'" 1 
ATOM   63  C  "C4'" . DG  A 1 4  ? 4.582   3.740   12.391  1.00 18.48 ? 4   DG  A "C4'" 1 
ATOM   64  O  "O4'" . DG  A 1 4  ? 4.096   2.512   11.794  1.00 17.27 ? 4   DG  A "O4'" 1 
ATOM   65  C  "C3'" . DG  A 1 4  ? 5.083   4.542   11.203  1.00 19.37 ? 4   DG  A "C3'" 1 
ATOM   66  O  "O3'" . DG  A 1 4  ? 6.484   4.415   11.111  1.00 22.73 ? 4   DG  A "O3'" 1 
ATOM   67  C  "C2'" . DG  A 1 4  ? 4.355   4.034   9.950   1.00 19.39 ? 4   DG  A "C2'" 1 
ATOM   68  C  "C1'" . DG  A 1 4  ? 4.090   2.604   10.369  1.00 15.55 ? 4   DG  A "C1'" 1 
ATOM   69  N  N9    . DG  A 1 4  ? 2.782   2.053   9.958   1.00 16.83 ? 4   DG  A N9    1 
ATOM   70  C  C8    . DG  A 1 4  ? 1.537   2.656   9.857   1.00 13.36 ? 4   DG  A C8    1 
ATOM   71  N  N7    . DG  A 1 4  ? 0.598   1.816   9.476   1.00 13.41 ? 4   DG  A N7    1 
ATOM   72  C  C5    . DG  A 1 4  ? 1.239   0.603   9.316   1.00 12.07 ? 4   DG  A C5    1 
ATOM   73  C  C6    . DG  A 1 4  ? 0.737   -0.647  8.885   1.00 13.51 ? 4   DG  A C6    1 
ATOM   74  O  O6    . DG  A 1 4  ? -0.457  -0.920  8.560   1.00 12.33 ? 4   DG  A O6    1 
ATOM   75  N  N1    . DG  A 1 4  ? 1.762   -1.623  8.825   1.00 13.61 ? 4   DG  A N1    1 
ATOM   76  C  C2    . DG  A 1 4  ? 3.086   -1.390  9.133   1.00 15.00 ? 4   DG  A C2    1 
ATOM   77  N  N2    . DG  A 1 4  ? 3.913   -2.439  9.016   1.00 13.41 ? 4   DG  A N2    1 
ATOM   78  N  N3    . DG  A 1 4  ? 3.563   -0.203  9.552   1.00 9.34  ? 4   DG  A N3    1 
ATOM   79  C  C4    . DG  A 1 4  ? 2.591   0.735   9.605   1.00 10.63 ? 4   DG  A C4    1 
ATOM   80  P  P     . DA  A 1 5  ? 7.321   5.008   9.893   1.00 22.25 ? 5   DA  A P     1 
ATOM   81  O  OP1   . DA  A 1 5  ? 8.697   5.027   10.477  1.00 22.05 ? 5   DA  A OP1   1 
ATOM   82  O  OP2   . DA  A 1 5  ? 6.693   6.187   9.293   1.00 21.85 ? 5   DA  A OP2   1 
ATOM   83  O  "O5'" . DA  A 1 5  ? 7.367   3.982   8.699   1.00 19.31 ? 5   DA  A "O5'" 1 
ATOM   84  C  "C5'" . DA  A 1 5  ? 7.785   2.662   8.979   1.00 19.59 ? 5   DA  A "C5'" 1 
ATOM   85  C  "C4'" . DA  A 1 5  ? 7.533   1.748   7.806   1.00 22.40 ? 5   DA  A "C4'" 1 
ATOM   86  O  "O4'" . DA  A 1 5  ? 6.123   1.328   7.762   1.00 22.15 ? 5   DA  A "O4'" 1 
ATOM   87  C  "C3'" . DA  A 1 5  ? 7.850   2.349   6.434   1.00 22.56 ? 5   DA  A "C3'" 1 
ATOM   88  O  "O3'" . DA  A 1 5  ? 8.351   1.251   5.699   1.00 23.87 ? 5   DA  A "O3'" 1 
ATOM   89  C  "C2'" . DA  A 1 5  ? 6.440   2.731   5.940   1.00 20.62 ? 5   DA  A "C2'" 1 
ATOM   90  C  "C1'" . DA  A 1 5  ? 5.632   1.547   6.453   1.00 17.93 ? 5   DA  A "C1'" 1 
ATOM   91  N  N9    . DA  A 1 5  ? 4.183   1.723   6.367   1.00 15.17 ? 5   DA  A N9    1 
ATOM   92  C  C8    . DA  A 1 5  ? 3.512   2.903   6.499   1.00 11.79 ? 5   DA  A C8    1 
ATOM   93  N  N7    . DA  A 1 5  ? 2.204   2.763   6.357   1.00 18.39 ? 5   DA  A N7    1 
ATOM   94  C  C5    . DA  A 1 5  ? 2.056   1.427   6.072   1.00 16.68 ? 5   DA  A C5    1 
ATOM   95  C  C6    . DA  A 1 5  ? 0.916   0.687   5.760   1.00 15.29 ? 5   DA  A C6    1 
ATOM   96  N  N6    . DA  A 1 5  ? -0.269  1.269   5.773   1.00 14.62 ? 5   DA  A N6    1 
ATOM   97  N  N1    . DA  A 1 5  ? 1.082   -0.615  5.529   1.00 17.57 ? 5   DA  A N1    1 
ATOM   98  C  C2    . DA  A 1 5  ? 2.302   -1.145  5.578   1.00 13.47 ? 5   DA  A C2    1 
ATOM   99  N  N3    . DA  A 1 5  ? 3.444   -0.543  5.823   1.00 14.07 ? 5   DA  A N3    1 
ATOM   100 C  C4    . DA  A 1 5  ? 3.246   0.759   6.070   1.00 12.79 ? 5   DA  A C4    1 
ATOM   101 P  P     . DA  A 1 6  ? 9.544   1.382   4.640   1.00 25.21 ? 6   DA  A P     1 
ATOM   102 O  OP1   . DA  A 1 6  ? 10.751  1.242   5.429   1.00 28.81 ? 6   DA  A OP1   1 
ATOM   103 O  OP2   . DA  A 1 6  ? 9.207   2.546   3.788   1.00 23.87 ? 6   DA  A OP2   1 
ATOM   104 O  "O5'" . DA  A 1 6  ? 9.432   0.017   3.769   1.00 20.57 ? 6   DA  A "O5'" 1 
ATOM   105 C  "C5'" . DA  A 1 6  ? 9.364   -1.222  4.403   1.00 13.54 ? 6   DA  A "C5'" 1 
ATOM   106 C  "C4'" . DA  A 1 6  ? 8.575   -2.146  3.476   1.00 16.86 ? 6   DA  A "C4'" 1 
ATOM   107 O  "O4'" . DA  A 1 6  ? 7.135   -1.903  3.551   1.00 16.93 ? 6   DA  A "O4'" 1 
ATOM   108 C  "C3'" . DA  A 1 6  ? 8.909   -2.067  1.982   1.00 16.69 ? 6   DA  A "C3'" 1 
ATOM   109 O  "O3'" . DA  A 1 6  ? 8.914   -3.438  1.497   1.00 17.97 ? 6   DA  A "O3'" 1 
ATOM   110 C  "C2'" . DA  A 1 6  ? 7.803   -1.149  1.406   1.00 16.31 ? 6   DA  A "C2'" 1 
ATOM   111 C  "C1'" . DA  A 1 6  ? 6.625   -1.518  2.306   1.00 16.03 ? 6   DA  A "C1'" 1 
ATOM   112 N  N9    . DA  A 1 6  ? 5.629   -0.477  2.491   1.00 14.36 ? 6   DA  A N9    1 
ATOM   113 C  C8    . DA  A 1 6  ? 5.803   0.844   2.799   1.00 14.82 ? 6   DA  A C8    1 
ATOM   114 N  N7    . DA  A 1 6  ? 4.698   1.553   2.825   1.00 13.28 ? 6   DA  A N7    1 
ATOM   115 C  C5    . DA  A 1 6  ? 3.760   0.592   2.577   1.00 12.74 ? 6   DA  A C5    1 
ATOM   116 C  C6    . DA  A 1 6  ? 2.386   0.699   2.460   1.00 11.82 ? 6   DA  A C6    1 
ATOM   117 N  N6    . DA  A 1 6  ? 1.806   1.866   2.685   1.00 10.14 ? 6   DA  A N6    1 
ATOM   118 N  N1    . DA  A 1 6  ? 1.702   -0.396  2.167   1.00 11.03 ? 6   DA  A N1    1 
ATOM   119 C  C2    . DA  A 1 6  ? 2.353   -1.545  1.980   1.00 14.95 ? 6   DA  A C2    1 
ATOM   120 N  N3    . DA  A 1 6  ? 3.659   -1.783  2.030   1.00 12.33 ? 6   DA  A N3    1 
ATOM   121 C  C4    . DA  A 1 6  ? 4.301   -0.648  2.322   1.00 14.54 ? 6   DA  A C4    1 
ATOM   122 P  P     . DT  A 1 7  ? 9.351   -3.763  -0.031  1.00 19.92 ? 7   DT  A P     1 
ATOM   123 O  OP1   . DT  A 1 7  ? 10.000  -5.077  0.066   1.00 22.52 ? 7   DT  A OP1   1 
ATOM   124 O  OP2   . DT  A 1 7  ? 9.919   -2.615  -0.749  1.00 17.54 ? 7   DT  A OP2   1 
ATOM   125 O  "O5'" . DT  A 1 7  ? 7.870   -3.884  -0.729  1.00 19.41 ? 7   DT  A "O5'" 1 
ATOM   126 C  "C5'" . DT  A 1 7  ? 7.012   -4.963  -0.280  1.00 18.74 ? 7   DT  A "C5'" 1 
ATOM   127 C  "C4'" . DT  A 1 7  ? 5.673   -4.808  -0.994  1.00 15.59 ? 7   DT  A "C4'" 1 
ATOM   128 O  "O4'" . DT  A 1 7  ? 5.066   -3.573  -0.609  1.00 15.20 ? 7   DT  A "O4'" 1 
ATOM   129 C  "C3'" . DT  A 1 7  ? 5.874   -4.750  -2.472  1.00 15.77 ? 7   DT  A "C3'" 1 
ATOM   130 O  "O3'" . DT  A 1 7  ? 5.022   -5.782  -2.978  1.00 22.69 ? 7   DT  A "O3'" 1 
ATOM   131 C  "C2'" . DT  A 1 7  ? 5.399   -3.360  -2.876  1.00 17.10 ? 7   DT  A "C2'" 1 
ATOM   132 C  "C1'" . DT  A 1 7  ? 4.422   -3.061  -1.752  1.00 15.67 ? 7   DT  A "C1'" 1 
ATOM   133 N  N1    . DT  A 1 7  ? 4.146   -1.646  -1.497  1.00 14.02 ? 7   DT  A N1    1 
ATOM   134 C  C2    . DT  A 1 7  ? 2.824   -1.244  -1.460  1.00 15.48 ? 7   DT  A C2    1 
ATOM   135 O  O2    . DT  A 1 7  ? 1.850   -2.003  -1.657  1.00 13.37 ? 7   DT  A O2    1 
ATOM   136 N  N3    . DT  A 1 7  ? 2.666   0.079   -1.146  1.00 10.46 ? 7   DT  A N3    1 
ATOM   137 C  C4    . DT  A 1 7  ? 3.677   0.993   -0.888  1.00 10.52 ? 7   DT  A C4    1 
ATOM   138 O  O4    . DT  A 1 7  ? 3.377   2.190   -0.685  1.00 12.36 ? 7   DT  A O4    1 
ATOM   139 C  C5    . DT  A 1 7  ? 5.031   0.520   -0.990  1.00 8.67  ? 7   DT  A C5    1 
ATOM   140 C  C7    . DT  A 1 7  ? 6.222   1.431   -0.739  1.00 8.42  ? 7   DT  A C7    1 
ATOM   141 C  C6    . DT  A 1 7  ? 5.207   -0.770  -1.256  1.00 15.57 ? 7   DT  A C6    1 
ATOM   142 P  P     . DT  A 1 8  ? 5.127   -6.420  -4.419  1.00 26.39 ? 8   DT  A P     1 
ATOM   143 O  OP1   . DT  A 1 8  ? 4.976   -7.849  -4.075  1.00 27.82 ? 8   DT  A OP1   1 
ATOM   144 O  OP2   . DT  A 1 8  ? 6.123   -5.693  -5.182  1.00 20.95 ? 8   DT  A OP2   1 
ATOM   145 O  "O5'" . DT  A 1 8  ? 3.816   -6.009  -5.199  1.00 25.37 ? 8   DT  A "O5'" 1 
ATOM   146 C  "C5'" . DT  A 1 8  ? 2.648   -6.186  -4.410  1.00 21.05 ? 8   DT  A "C5'" 1 
ATOM   147 C  "C4'" . DT  A 1 8  ? 1.589   -5.268  -4.995  1.00 17.15 ? 8   DT  A "C4'" 1 
ATOM   148 O  "O4'" . DT  A 1 8  ? 1.817   -3.943  -4.550  1.00 16.41 ? 8   DT  A "O4'" 1 
ATOM   149 C  "C3'" . DT  A 1 8  ? 1.462   -5.144  -6.509  1.00 15.81 ? 8   DT  A "C3'" 1 
ATOM   150 O  "O3'" . DT  A 1 8  ? 0.146   -5.660  -6.845  1.00 17.65 ? 8   DT  A "O3'" 1 
ATOM   151 C  "C2'" . DT  A 1 8  ? 1.473   -3.668  -6.795  1.00 13.48 ? 8   DT  A "C2'" 1 
ATOM   152 C  "C1'" . DT  A 1 8  ? 1.178   -3.038  -5.455  1.00 18.05 ? 8   DT  A "C1'" 1 
ATOM   153 N  N1    . DT  A 1 8  ? 1.796   -1.680  -5.158  1.00 15.25 ? 8   DT  A N1    1 
ATOM   154 C  C2    . DT  A 1 8  ? 1.009   -0.601  -4.858  1.00 16.69 ? 8   DT  A C2    1 
ATOM   155 O  O2    . DT  A 1 8  ? -0.194  -0.684  -4.876  1.00 18.88 ? 8   DT  A O2    1 
ATOM   156 N  N3    . DT  A 1 8  ? 1.659   0.580   -4.556  1.00 12.41 ? 8   DT  A N3    1 
ATOM   157 C  C4    . DT  A 1 8  ? 3.060   0.729   -4.547  1.00 15.66 ? 8   DT  A C4    1 
ATOM   158 O  O4    . DT  A 1 8  ? 3.597   1.794   -4.268  1.00 14.19 ? 8   DT  A O4    1 
ATOM   159 C  C5    . DT  A 1 8  ? 3.854   -0.427  -4.859  1.00 10.81 ? 8   DT  A C5    1 
ATOM   160 C  C7    . DT  A 1 8  ? 5.402   -0.355  -4.896  1.00 12.93 ? 8   DT  A C7    1 
ATOM   161 C  C6    . DT  A 1 8  ? 3.209   -1.556  -5.164  1.00 13.90 ? 8   DT  A C6    1 
ATOM   162 P  P     . DC  A 1 9  ? -0.395  -5.885  -8.321  1.00 21.22 ? 9   DC  A P     1 
ATOM   163 O  OP1   . DC  A 1 9  ? -1.441  -6.903  -8.094  1.00 22.52 ? 9   DC  A OP1   1 
ATOM   164 O  OP2   . DC  A 1 9  ? 0.754   -6.109  -9.194  1.00 21.83 ? 9   DC  A OP2   1 
ATOM   165 O  "O5'" . DC  A 1 9  ? -1.055  -4.552  -8.890  1.00 18.51 ? 9   DC  A "O5'" 1 
ATOM   166 C  "C5'" . DC  A 1 9  ? -2.187  -3.943  -8.249  1.00 17.38 ? 9   DC  A "C5'" 1 
ATOM   167 C  "C4'" . DC  A 1 9  ? -2.571  -2.721  -9.041  1.00 18.74 ? 9   DC  A "C4'" 1 
ATOM   168 O  "O4'" . DC  A 1 9  ? -1.797  -1.637  -8.486  1.00 16.96 ? 9   DC  A "O4'" 1 
ATOM   169 C  "C3'" . DC  A 1 9  ? -2.257  -2.719  -10.550 1.00 19.34 ? 9   DC  A "C3'" 1 
ATOM   170 O  "O3'" . DC  A 1 9  ? -3.141  -1.900  -11.271 1.00 19.17 ? 9   DC  A "O3'" 1 
ATOM   171 C  "C2'" . DC  A 1 9  ? -0.889  -2.044  -10.649 1.00 20.25 ? 9   DC  A "C2'" 1 
ATOM   172 C  "C1'" . DC  A 1 9  ? -1.095  -1.001  -9.559  1.00 20.43 ? 9   DC  A "C1'" 1 
ATOM   173 N  N1    . DC  A 1 9  ? 0.221   -0.397  -9.076  1.00 21.94 ? 9   DC  A N1    1 
ATOM   174 C  C2    . DC  A 1 9  ? 0.166   0.888   -8.515  1.00 22.75 ? 9   DC  A C2    1 
ATOM   175 O  O2    . DC  A 1 9  ? -0.965  1.420   -8.402  1.00 21.59 ? 9   DC  A O2    1 
ATOM   176 N  N3    . DC  A 1 9  ? 1.339   1.459   -8.107  1.00 17.70 ? 9   DC  A N3    1 
ATOM   177 C  C4    . DC  A 1 9  ? 2.481   0.786   -8.251  1.00 17.07 ? 9   DC  A C4    1 
ATOM   178 N  N4    . DC  A 1 9  ? 3.598   1.364   -7.849  1.00 18.22 ? 9   DC  A N4    1 
ATOM   179 C  C5    . DC  A 1 9  ? 2.557   -0.507  -8.807  1.00 15.49 ? 9   DC  A C5    1 
ATOM   180 C  C6    . DC  A 1 9  ? 1.418   -1.058  -9.244  1.00 18.87 ? 9   DC  A C6    1 
ATOM   181 P  P     . DG  A 1 10 ? -4.479  -2.504  -11.886 1.00 19.79 ? 10  DG  A P     1 
ATOM   182 O  OP1   . DG  A 1 10 ? -5.109  -3.373  -10.869 1.00 20.92 ? 10  DG  A OP1   1 
ATOM   183 O  OP2   . DG  A 1 10 ? -4.137  -3.086  -13.198 1.00 20.17 ? 10  DG  A OP2   1 
ATOM   184 O  "O5'" . DG  A 1 10 ? -5.447  -1.256  -12.128 1.00 16.42 ? 10  DG  A "O5'" 1 
ATOM   185 C  "C5'" . DG  A 1 10 ? -5.841  -0.412  -11.044 1.00 17.06 ? 10  DG  A "C5'" 1 
ATOM   186 C  "C4'" . DG  A 1 10 ? -5.599  1.052   -11.399 1.00 16.26 ? 10  DG  A "C4'" 1 
ATOM   187 O  "O4'" . DG  A 1 10 ? -4.213  1.354   -11.204 1.00 17.56 ? 10  DG  A "O4'" 1 
ATOM   188 C  "C3'" . DG  A 1 10 ? -5.880  1.460   -12.831 1.00 15.07 ? 10  DG  A "C3'" 1 
ATOM   189 O  "O3'" . DG  A 1 10 ? -6.231  2.828   -12.789 1.00 17.19 ? 10  DG  A "O3'" 1 
ATOM   190 C  "C2'" . DG  A 1 10 ? -4.502  1.354   -13.477 1.00 15.97 ? 10  DG  A "C2'" 1 
ATOM   191 C  "C1'" . DG  A 1 10 ? -3.732  2.006   -12.339 1.00 14.84 ? 10  DG  A "C1'" 1 
ATOM   192 N  N9    . DG  A 1 10 ? -2.278  1.811   -12.247 1.00 17.84 ? 10  DG  A N9    1 
ATOM   193 C  C8    . DG  A 1 10 ? -1.535  0.712   -12.686 1.00 18.21 ? 10  DG  A C8    1 
ATOM   194 N  N7    . DG  A 1 10 ? -0.245  0.846   -12.447 1.00 17.41 ? 10  DG  A N7    1 
ATOM   195 C  C5    . DG  A 1 10 ? -0.140  2.112   -11.823 1.00 17.72 ? 10  DG  A C5    1 
ATOM   196 C  C6    . DG  A 1 10 ? 1.018   2.822   -11.364 1.00 18.78 ? 10  DG  A C6    1 
ATOM   197 O  O6    . DG  A 1 10 ? 2.190   2.410   -11.383 1.00 16.97 ? 10  DG  A O6    1 
ATOM   198 N  N1    . DG  A 1 10 ? 0.711   4.070   -10.810 1.00 13.73 ? 10  DG  A N1    1 
ATOM   199 C  C2    . DG  A 1 10 ? -0.593  4.604   -10.741 1.00 16.84 ? 10  DG  A C2    1 
ATOM   200 N  N2    . DG  A 1 10 ? -0.773  5.835   -10.167 1.00 15.41 ? 10  DG  A N2    1 
ATOM   201 N  N3    . DG  A 1 10 ? -1.679  3.946   -11.165 1.00 16.97 ? 10  DG  A N3    1 
ATOM   202 C  C4    . DG  A 1 10 ? -1.376  2.711   -11.685 1.00 15.97 ? 10  DG  A C4    1 
ATOM   203 P  P     . DC  A 1 11 ? -7.665  3.269   -13.284 1.00 19.65 ? 11  DC  A P     1 
ATOM   204 O  OP1   . DC  A 1 11 ? -8.581  2.684   -12.273 1.00 22.07 ? 11  DC  A OP1   1 
ATOM   205 O  OP2   . DC  A 1 11 ? -7.806  3.204   -14.738 1.00 17.05 ? 11  DC  A OP2   1 
ATOM   206 O  "O5'" . DC  A 1 11 ? -7.672  4.869   -12.927 1.00 17.14 ? 11  DC  A "O5'" 1 
ATOM   207 C  "C5'" . DC  A 1 11 ? -7.697  5.299   -11.543 1.00 14.61 ? 11  DC  A "C5'" 1 
ATOM   208 C  "C4'" . DC  A 1 11 ? -7.079  6.712   -11.495 1.00 15.03 ? 11  DC  A "C4'" 1 
ATOM   209 O  "O4'" . DC  A 1 11 ? -5.634  6.652   -11.712 1.00 15.95 ? 11  DC  A "O4'" 1 
ATOM   210 C  "C3'" . DC  A 1 11 ? -7.627  7.660   -12.568 1.00 15.73 ? 11  DC  A "C3'" 1 
ATOM   211 O  "O3'" . DC  A 1 11 ? -7.885  8.879   -11.925 1.00 16.07 ? 11  DC  A "O3'" 1 
ATOM   212 C  "C2'" . DC  A 1 11 ? -6.503  7.761   -13.635 1.00 15.83 ? 11  DC  A "C2'" 1 
ATOM   213 C  "C1'" . DC  A 1 11 ? -5.254  7.484   -12.804 1.00 15.04 ? 11  DC  A "C1'" 1 
ATOM   214 N  N1    . DC  A 1 11 ? -4.123  6.686   -13.435 1.00 16.53 ? 11  DC  A N1    1 
ATOM   215 C  C2    . DC  A 1 11 ? -2.802  7.042   -13.154 1.00 17.28 ? 11  DC  A C2    1 
ATOM   216 O  O2    . DC  A 1 11 ? -2.561  8.063   -12.474 1.00 16.41 ? 11  DC  A O2    1 
ATOM   217 N  N3    . DC  A 1 11 ? -1.813  6.259   -13.678 1.00 11.70 ? 11  DC  A N3    1 
ATOM   218 C  C4    . DC  A 1 11 ? -2.105  5.131   -14.370 1.00 17.90 ? 11  DC  A C4    1 
ATOM   219 N  N4    . DC  A 1 11 ? -1.123  4.364   -14.866 1.00 16.01 ? 11  DC  A N4    1 
ATOM   220 C  C5    . DC  A 1 11 ? -3.452  4.759   -14.666 1.00 16.90 ? 11  DC  A C5    1 
ATOM   221 C  C6    . DC  A 1 11 ? -4.404  5.542   -14.133 1.00 16.43 ? 11  DC  A C6    1 
ATOM   222 P  P     . DG  A 1 12 ? -8.767  9.996   -12.565 1.00 17.73 ? 12  DG  A P     1 
ATOM   223 O  OP1   . DG  A 1 12 ? -9.130  10.956  -11.505 1.00 17.74 ? 12  DG  A OP1   1 
ATOM   224 O  OP2   . DG  A 1 12 ? -9.666  9.564   -13.658 1.00 15.95 ? 12  DG  A OP2   1 
ATOM   225 O  "O5'" . DG  A 1 12 ? -7.667  10.800  -13.380 1.00 17.10 ? 12  DG  A "O5'" 1 
ATOM   226 C  "C5'" . DG  A 1 12 ? -6.501  11.469  -12.760 1.00 16.85 ? 12  DG  A "C5'" 1 
ATOM   227 C  "C4'" . DG  A 1 12 ? -5.573  11.893  -13.893 1.00 14.39 ? 12  DG  A "C4'" 1 
ATOM   228 O  "O4'" . DG  A 1 12 ? -4.805  10.716  -14.275 1.00 15.73 ? 12  DG  A "O4'" 1 
ATOM   229 C  "C3'" . DG  A 1 12 ? -6.168  12.393  -15.211 1.00 14.50 ? 12  DG  A "C3'" 1 
ATOM   230 O  "O3'" . DG  A 1 12 ? -6.364  13.837  -15.230 1.00 15.41 ? 12  DG  A "O3'" 1 
ATOM   231 C  "C2'" . DG  A 1 12 ? -5.136  11.959  -16.261 1.00 14.17 ? 12  DG  A "C2'" 1 
ATOM   232 C  "C1'" . DG  A 1 12 ? -4.181  11.039  -15.482 1.00 14.77 ? 12  DG  A "C1'" 1 
ATOM   233 N  N9    . DG  A 1 12 ? -3.906  9.741   -16.114 1.00 15.01 ? 12  DG  A N9    1 
ATOM   234 C  C8    . DG  A 1 12 ? -4.807  8.888   -16.745 1.00 18.29 ? 12  DG  A C8    1 
ATOM   235 N  N7    . DG  A 1 12 ? -4.292  7.787   -17.212 1.00 15.74 ? 12  DG  A N7    1 
ATOM   236 C  C5    . DG  A 1 12 ? -2.946  7.917   -16.880 1.00 17.00 ? 12  DG  A C5    1 
ATOM   237 C  C6    . DG  A 1 12 ? -1.849  7.058   -17.147 1.00 19.41 ? 12  DG  A C6    1 
ATOM   238 O  O6    . DG  A 1 12 ? -1.906  6.009   -17.769 1.00 19.67 ? 12  DG  A O6    1 
ATOM   239 N  N1    . DG  A 1 12 ? -0.616  7.507   -16.654 1.00 16.34 ? 12  DG  A N1    1 
ATOM   240 C  C2    . DG  A 1 12 ? -0.471  8.733   -16.012 1.00 17.76 ? 12  DG  A C2    1 
ATOM   241 N  N2    . DG  A 1 12 ? 0.758   9.051   -15.635 1.00 12.59 ? 12  DG  A N2    1 
ATOM   242 N  N3    . DG  A 1 12 ? -1.489  9.554   -15.763 1.00 13.10 ? 12  DG  A N3    1 
ATOM   243 C  C4    . DG  A 1 12 ? -2.684  9.103   -16.200 1.00 15.36 ? 12  DG  A C4    1 
ATOM   244 O  "O5'" . DC  B 1 1  ? 8.937   5.755   -19.886 1.00 55.95 ? 13  DC  B "O5'" 1 
ATOM   245 C  "C5'" . DC  B 1 1  ? 7.798   5.463   -19.069 1.00 53.58 ? 13  DC  B "C5'" 1 
ATOM   246 C  "C4'" . DC  B 1 1  ? 7.468   6.692   -18.225 1.00 50.61 ? 13  DC  B "C4'" 1 
ATOM   247 O  "O4'" . DC  B 1 1  ? 6.058   7.059   -18.250 1.00 49.51 ? 13  DC  B "O4'" 1 
ATOM   248 C  "C3'" . DC  B 1 1  ? 7.744   6.588   -16.743 1.00 46.89 ? 13  DC  B "C3'" 1 
ATOM   249 O  "O3'" . DC  B 1 1  ? 7.790   7.919   -16.433 1.00 42.89 ? 13  DC  B "O3'" 1 
ATOM   250 C  "C2'" . DC  B 1 1  ? 6.465   5.976   -16.210 1.00 45.23 ? 13  DC  B "C2'" 1 
ATOM   251 C  "C1'" . DC  B 1 1  ? 5.463   6.818   -16.987 1.00 43.75 ? 13  DC  B "C1'" 1 
ATOM   252 N  N1    . DC  B 1 1  ? 4.165   6.221   -17.323 1.00 41.52 ? 13  DC  B N1    1 
ATOM   253 C  C2    . DC  B 1 1  ? 3.012   6.873   -16.899 1.00 37.81 ? 13  DC  B C2    1 
ATOM   254 O  O2    . DC  B 1 1  ? 3.170   7.886   -16.239 1.00 34.17 ? 13  DC  B O2    1 
ATOM   255 N  N3    . DC  B 1 1  ? 1.796   6.355   -17.209 1.00 39.51 ? 13  DC  B N3    1 
ATOM   256 C  C4    . DC  B 1 1  ? 1.699   5.217   -17.919 1.00 43.44 ? 13  DC  B C4    1 
ATOM   257 N  N4    . DC  B 1 1  ? 0.493   4.717   -18.208 1.00 44.55 ? 13  DC  B N4    1 
ATOM   258 C  C5    . DC  B 1 1  ? 2.867   4.532   -18.364 1.00 43.79 ? 13  DC  B C5    1 
ATOM   259 C  C6    . DC  B 1 1  ? 4.066   5.076   -18.063 1.00 43.41 ? 13  DC  B C6    1 
ATOM   260 P  P     . DG  B 1 2  ? 9.059   8.456   -15.668 1.00 42.84 ? 14  DG  B P     1 
ATOM   261 O  OP1   . DG  B 1 2  ? 9.659   9.485   -16.587 1.00 39.98 ? 14  DG  B OP1   1 
ATOM   262 O  OP2   . DG  B 1 2  ? 9.720   7.272   -15.026 1.00 40.36 ? 14  DG  B OP2   1 
ATOM   263 O  "O5'" . DG  B 1 2  ? 8.505   9.172   -14.323 1.00 37.39 ? 14  DG  B "O5'" 1 
ATOM   264 C  "C5'" . DG  B 1 2  ? 7.669   10.295  -14.404 1.00 31.24 ? 14  DG  B "C5'" 1 
ATOM   265 C  "C4'" . DG  B 1 2  ? 6.880   10.444  -13.135 1.00 25.52 ? 14  DG  B "C4'" 1 
ATOM   266 O  "O4'" . DG  B 1 2  ? 5.686   9.627   -13.286 1.00 23.50 ? 14  DG  B "O4'" 1 
ATOM   267 C  "C3'" . DG  B 1 2  ? 7.536   10.021  -11.827 1.00 26.67 ? 14  DG  B "C3'" 1 
ATOM   268 O  "O3'" . DG  B 1 2  ? 7.271   11.065  -10.930 1.00 25.79 ? 14  DG  B "O3'" 1 
ATOM   269 C  "C2'" . DG  B 1 2  ? 6.769   8.767   -11.405 1.00 24.44 ? 14  DG  B "C2'" 1 
ATOM   270 C  "C1'" . DG  B 1 2  ? 5.401   8.997   -12.062 1.00 19.53 ? 14  DG  B "C1'" 1 
ATOM   271 N  N9    . DG  B 1 2  ? 4.724   7.799   -12.516 1.00 17.84 ? 14  DG  B N9    1 
ATOM   272 C  C8    . DG  B 1 2  ? 5.282   6.611   -12.928 1.00 16.06 ? 14  DG  B C8    1 
ATOM   273 N  N7    . DG  B 1 2  ? 4.372   5.755   -13.311 1.00 16.31 ? 14  DG  B N7    1 
ATOM   274 C  C5    . DG  B 1 2  ? 3.176   6.404   -13.127 1.00 16.64 ? 14  DG  B C5    1 
ATOM   275 C  C6    . DG  B 1 2  ? 1.855   5.950   -13.345 1.00 15.17 ? 14  DG  B C6    1 
ATOM   276 O  O6    . DG  B 1 2  ? 1.478   4.867   -13.825 1.00 12.89 ? 14  DG  B O6    1 
ATOM   277 N  N1    . DG  B 1 2  ? 0.926   6.937   -13.013 1.00 13.69 ? 14  DG  B N1    1 
ATOM   278 C  C2    . DG  B 1 2  ? 1.230   8.203   -12.518 1.00 14.50 ? 14  DG  B C2    1 
ATOM   279 N  N2    . DG  B 1 2  ? 0.185   9.002   -12.253 1.00 12.61 ? 14  DG  B N2    1 
ATOM   280 N  N3    . DG  B 1 2  ? 2.452   8.642   -12.314 1.00 13.70 ? 14  DG  B N3    1 
ATOM   281 C  C4    . DG  B 1 2  ? 3.378   7.679   -12.635 1.00 14.09 ? 14  DG  B C4    1 
ATOM   282 P  P     . DC  B 1 3  ? 7.776   11.223  -9.441  1.00 31.70 ? 15  DC  B P     1 
ATOM   283 O  OP1   . DC  B 1 3  ? 8.312   12.581  -9.295  1.00 32.37 ? 15  DC  B OP1   1 
ATOM   284 O  OP2   . DC  B 1 3  ? 8.417   9.969   -8.992  1.00 31.02 ? 15  DC  B OP2   1 
ATOM   285 O  "O5'" . DC  B 1 3  ? 6.452   11.326  -8.541  1.00 29.25 ? 15  DC  B "O5'" 1 
ATOM   286 C  "C5'" . DC  B 1 3  ? 5.333   12.198  -8.767  1.00 27.92 ? 15  DC  B "C5'" 1 
ATOM   287 C  "C4'" . DC  B 1 3  ? 4.040   11.482  -8.456  1.00 24.47 ? 15  DC  B "C4'" 1 
ATOM   288 O  "O4'" . DC  B 1 3  ? 4.153   10.204  -9.068  1.00 23.26 ? 15  DC  B "O4'" 1 
ATOM   289 C  "C3'" . DC  B 1 3  ? 3.809   11.126  -7.023  1.00 24.17 ? 15  DC  B "C3'" 1 
ATOM   290 O  "O3'" . DC  B 1 3  ? 3.042   12.120  -6.483  1.00 25.97 ? 15  DC  B "O3'" 1 
ATOM   291 C  "C2'" . DC  B 1 3  ? 3.003   9.828   -7.084  1.00 24.73 ? 15  DC  B "C2'" 1 
ATOM   292 C  "C1'" . DC  B 1 3  ? 3.092   9.457   -8.524  1.00 20.14 ? 15  DC  B "C1'" 1 
ATOM   293 N  N1    . DC  B 1 3  ? 3.465   8.090   -8.827  1.00 17.50 ? 15  DC  B N1    1 
ATOM   294 C  C2    . DC  B 1 3  ? 2.467   7.207   -9.283  1.00 18.63 ? 15  DC  B C2    1 
ATOM   295 O  O2    . DC  B 1 3  ? 1.287   7.564   -9.360  1.00 18.47 ? 15  DC  B O2    1 
ATOM   296 N  N3    . DC  B 1 3  ? 2.817   5.945   -9.596  1.00 16.28 ? 15  DC  B N3    1 
ATOM   297 C  C4    . DC  B 1 3  ? 4.084   5.569   -9.525  1.00 14.93 ? 15  DC  B C4    1 
ATOM   298 N  N4    . DC  B 1 3  ? 4.353   4.319   -9.884  1.00 12.37 ? 15  DC  B N4    1 
ATOM   299 C  C5    . DC  B 1 3  ? 5.112   6.457   -9.088  1.00 17.06 ? 15  DC  B C5    1 
ATOM   300 C  C6    . DC  B 1 3  ? 4.760   7.698   -8.760  1.00 18.55 ? 15  DC  B C6    1 
ATOM   301 P  P     . DG  B 1 4  ? 2.845   12.071  -4.919  1.00 29.35 ? 16  DG  B P     1 
ATOM   302 O  OP1   . DG  B 1 4  ? 2.497   13.417  -4.503  1.00 30.28 ? 16  DG  B OP1   1 
ATOM   303 O  OP2   . DG  B 1 4  ? 3.882   11.214  -4.299  1.00 30.59 ? 16  DG  B OP2   1 
ATOM   304 O  "O5'" . DG  B 1 4  ? 1.463   11.274  -4.769  1.00 27.42 ? 16  DG  B "O5'" 1 
ATOM   305 C  "C5'" . DG  B 1 4  ? 0.233   11.815  -5.219  1.00 24.43 ? 16  DG  B "C5'" 1 
ATOM   306 C  "C4'" . DG  B 1 4  ? -0.758  10.692  -5.080  1.00 26.16 ? 16  DG  B "C4'" 1 
ATOM   307 O  "O4'" . DG  B 1 4  ? -0.277  9.481   -5.728  1.00 26.78 ? 16  DG  B "O4'" 1 
ATOM   308 C  "C3'" . DG  B 1 4  ? -0.991  10.257  -3.647  1.00 27.73 ? 16  DG  B "C3'" 1 
ATOM   309 O  "O3'" . DG  B 1 4  ? -2.286  9.662   -3.607  1.00 30.58 ? 16  DG  B "O3'" 1 
ATOM   310 C  "C2'" . DG  B 1 4  ? 0.021   9.151   -3.453  1.00 24.78 ? 16  DG  B "C2'" 1 
ATOM   311 C  "C1'" . DG  B 1 4  ? -0.142  8.428   -4.780  1.00 24.75 ? 16  DG  B "C1'" 1 
ATOM   312 N  N9    . DG  B 1 4  ? 0.971   7.507   -5.110  1.00 23.13 ? 16  DG  B N9    1 
ATOM   313 C  C8    . DG  B 1 4  ? 2.309   7.616   -4.779  1.00 23.51 ? 16  DG  B C8    1 
ATOM   314 N  N7    . DG  B 1 4  ? 3.057   6.657   -5.241  1.00 22.35 ? 16  DG  B N7    1 
ATOM   315 C  C5    . DG  B 1 4  ? 2.143   5.843   -5.918  1.00 22.44 ? 16  DG  B C5    1 
ATOM   316 C  C6    . DG  B 1 4  ? 2.327   4.625   -6.605  1.00 22.44 ? 16  DG  B C6    1 
ATOM   317 O  O6    . DG  B 1 4  ? 3.350   3.944   -6.810  1.00 23.18 ? 16  DG  B O6    1 
ATOM   318 N  N1    . DG  B 1 4  ? 1.124   4.137   -7.128  1.00 22.86 ? 16  DG  B N1    1 
ATOM   319 C  C2    . DG  B 1 4  ? -0.100  4.737   -7.016  1.00 20.33 ? 16  DG  B C2    1 
ATOM   320 N  N2    . DG  B 1 4  ? -1.121  4.050   -7.581  1.00 17.48 ? 16  DG  B N2    1 
ATOM   321 N  N3    . DG  B 1 4  ? -0.301  5.896   -6.381  1.00 19.71 ? 16  DG  B N3    1 
ATOM   322 C  C4    . DG  B 1 4  ? 0.863   6.360   -5.843  1.00 23.30 ? 16  DG  B C4    1 
ATOM   323 P  P     . DA  B 1 5  ? -3.391  9.863   -2.484  1.00 26.93 ? 17  DA  B P     1 
ATOM   324 O  OP1   . DA  B 1 5  ? -4.135  11.072  -2.819  1.00 28.13 ? 17  DA  B OP1   1 
ATOM   325 O  OP2   . DA  B 1 5  ? -2.817  9.429   -1.183  1.00 20.63 ? 17  DA  B OP2   1 
ATOM   326 O  "O5'" . DA  B 1 5  ? -4.349  8.667   -2.930  1.00 19.78 ? 17  DA  B "O5'" 1 
ATOM   327 C  "C5'" . DA  B 1 5  ? -5.180  8.684   -4.059  1.00 19.62 ? 17  DA  B "C5'" 1 
ATOM   328 C  "C4'" . DA  B 1 5  ? -5.626  7.234   -4.243  1.00 17.71 ? 17  DA  B "C4'" 1 
ATOM   329 O  "O4'" . DA  B 1 5  ? -4.449  6.386   -4.512  1.00 16.85 ? 17  DA  B "O4'" 1 
ATOM   330 C  "C3'" . DA  B 1 5  ? -6.291  6.635   -3.013  1.00 18.11 ? 17  DA  B "C3'" 1 
ATOM   331 O  "O3'" . DA  B 1 5  ? -7.296  5.783   -3.566  1.00 20.59 ? 17  DA  B "O3'" 1 
ATOM   332 C  "C2'" . DA  B 1 5  ? -5.115  5.925   -2.329  1.00 17.01 ? 17  DA  B "C2'" 1 
ATOM   333 C  "C1'" . DA  B 1 5  ? -4.269  5.418   -3.494  1.00 17.40 ? 17  DA  B "C1'" 1 
ATOM   334 N  N9    . DA  B 1 5  ? -2.830  5.277   -3.231  1.00 17.36 ? 17  DA  B N9    1 
ATOM   335 C  C8    . DA  B 1 5  ? -2.037  6.105   -2.496  1.00 19.72 ? 17  DA  B C8    1 
ATOM   336 N  N7    . DA  B 1 5  ? -0.766  5.726   -2.438  1.00 20.03 ? 17  DA  B N7    1 
ATOM   337 C  C5    . DA  B 1 5  ? -0.749  4.566   -3.163  1.00 16.18 ? 17  DA  B C5    1 
ATOM   338 C  C6    . DA  B 1 5  ? 0.298   3.698   -3.474  1.00 19.70 ? 17  DA  B C6    1 
ATOM   339 N  N6    . DA  B 1 5  ? 1.552   3.925   -3.031  1.00 17.98 ? 17  DA  B N6    1 
ATOM   340 N  N1    . DA  B 1 5  ? -0.010  2.607   -4.226  1.00 16.69 ? 17  DA  B N1    1 
ATOM   341 C  C2    . DA  B 1 5  ? -1.268  2.404   -4.670  1.00 15.07 ? 17  DA  B C2    1 
ATOM   342 N  N3    . DA  B 1 5  ? -2.324  3.174   -4.441  1.00 15.54 ? 17  DA  B N3    1 
ATOM   343 C  C4    . DA  B 1 5  ? -1.999  4.255   -3.670  1.00 17.38 ? 17  DA  B C4    1 
ATOM   344 P  P     . DA  B 1 6  ? -8.250  4.918   -2.631  1.00 22.44 ? 18  DA  B P     1 
ATOM   345 O  OP1   . DA  B 1 6  ? -9.470  4.775   -3.447  1.00 22.94 ? 18  DA  B OP1   1 
ATOM   346 O  OP2   . DA  B 1 6  ? -8.098  5.609   -1.330  1.00 23.36 ? 18  DA  B OP2   1 
ATOM   347 O  "O5'" . DA  B 1 6  ? -7.498  3.487   -2.573  1.00 19.46 ? 18  DA  B "O5'" 1 
ATOM   348 C  "C5'" . DA  B 1 6  ? -7.403  2.733   -3.783  1.00 15.05 ? 18  DA  B "C5'" 1 
ATOM   349 C  "C4'" . DA  B 1 6  ? -6.763  1.430   -3.432  1.00 16.36 ? 18  DA  B "C4'" 1 
ATOM   350 O  "O4'" . DA  B 1 6  ? -5.401  1.744   -3.052  1.00 17.55 ? 18  DA  B "O4'" 1 
ATOM   351 C  "C3'" . DA  B 1 6  ? -7.388  0.772   -2.238  1.00 13.78 ? 18  DA  B "C3'" 1 
ATOM   352 O  "O3'" . DA  B 1 6  ? -7.616  -0.570  -2.745  1.00 18.48 ? 18  DA  B "O3'" 1 
ATOM   353 C  "C2'" . DA  B 1 6  ? -6.326  0.970   -1.126  1.00 15.35 ? 18  DA  B "C2'" 1 
ATOM   354 C  "C1'" . DA  B 1 6  ? -5.047  0.974   -1.939  1.00 14.83 ? 18  DA  B "C1'" 1 
ATOM   355 N  N9    . DA  B 1 6  ? -3.886  1.660   -1.373  1.00 14.68 ? 18  DA  B N9    1 
ATOM   356 C  C8    . DA  B 1 6  ? -3.841  2.859   -0.733  1.00 11.66 ? 18  DA  B C8    1 
ATOM   357 N  N7    . DA  B 1 6  ? -2.630  3.205   -0.355  1.00 11.71 ? 18  DA  B N7    1 
ATOM   358 C  C5    . DA  B 1 6  ? -1.815  2.191   -0.775  1.00 11.04 ? 18  DA  B C5    1 
ATOM   359 C  C6    . DA  B 1 6  ? -0.435  1.999   -0.649  1.00 13.52 ? 18  DA  B C6    1 
ATOM   360 N  N6    . DA  B 1 6  ? 0.380   2.886   -0.036  1.00 9.61  ? 18  DA  B N6    1 
ATOM   361 N  N1    . DA  B 1 6  ? 0.040   0.844   -1.146  1.00 12.81 ? 18  DA  B N1    1 
ATOM   362 C  C2    . DA  B 1 6  ? -0.752  -0.016  -1.759  1.00 13.64 ? 18  DA  B C2    1 
ATOM   363 N  N3    . DA  B 1 6  ? -2.090  0.060   -1.924  1.00 11.18 ? 18  DA  B N3    1 
ATOM   364 C  C4    . DA  B 1 6  ? -2.559  1.205   -1.403  1.00 13.46 ? 18  DA  B C4    1 
ATOM   365 P  P     . DT  B 1 7  ? -8.145  -1.770  -1.886  1.00 20.62 ? 19  DT  B P     1 
ATOM   366 O  OP1   . DT  B 1 7  ? -8.855  -2.730  -2.826  1.00 18.48 ? 19  DT  B OP1   1 
ATOM   367 O  OP2   . DT  B 1 7  ? -8.651  -1.303  -0.594  1.00 18.16 ? 19  DT  B OP2   1 
ATOM   368 O  "O5'" . DT  B 1 7  ? -6.778  -2.510  -1.388  1.00 17.59 ? 19  DT  B "O5'" 1 
ATOM   369 C  "C5'" . DT  B 1 7  ? -5.899  -3.035  -2.383  1.00 14.10 ? 19  DT  B "C5'" 1 
ATOM   370 C  "C4'" . DT  B 1 7  ? -4.771  -3.765  -1.652  1.00 13.62 ? 19  DT  B "C4'" 1 
ATOM   371 O  "O4'" . DT  B 1 7  ? -3.981  -2.734  -1.106  1.00 16.63 ? 19  DT  B "O4'" 1 
ATOM   372 C  "C3'" . DT  B 1 7  ? -5.137  -4.605  -0.426  1.00 17.13 ? 19  DT  B "C3'" 1 
ATOM   373 O  "O3'" . DT  B 1 7  ? -4.788  -5.951  -0.719  1.00 16.67 ? 19  DT  B "O3'" 1 
ATOM   374 C  "C2'" . DT  B 1 7  ? -4.364  -4.050  0.778   1.00 15.99 ? 19  DT  B "C2'" 1 
ATOM   375 C  "C1'" . DT  B 1 7  ? -3.329  -3.194  0.071   1.00 15.84 ? 19  DT  B "C1'" 1 
ATOM   376 N  N1    . DT  B 1 7  ? -2.861  -1.963  0.791   1.00 14.48 ? 19  DT  B N1    1 
ATOM   377 C  C2    . DT  B 1 7  ? -1.501  -1.835  1.058   1.00 13.69 ? 19  DT  B C2    1 
ATOM   378 O  O2    . DT  B 1 7  ? -0.671  -2.697  0.768   1.00 13.00 ? 19  DT  B O2    1 
ATOM   379 N  N3    . DT  B 1 7  ? -1.120  -0.706  1.711   1.00 11.38 ? 19  DT  B N3    1 
ATOM   380 C  C4    . DT  B 1 7  ? -1.991  0.322   2.108   1.00 16.23 ? 19  DT  B C4    1 
ATOM   381 O  O4    . DT  B 1 7  ? -1.523  1.324   2.664   1.00 14.00 ? 19  DT  B O4    1 
ATOM   382 C  C5    . DT  B 1 7  ? -3.417  0.162   1.800   1.00 12.98 ? 19  DT  B C5    1 
ATOM   383 C  C7    . DT  B 1 7  ? -4.392  1.236   2.224   1.00 11.21 ? 19  DT  B C7    1 
ATOM   384 C  C6    . DT  B 1 7  ? -3.801  -0.965  1.150   1.00 15.82 ? 19  DT  B C6    1 
ATOM   385 P  P     . DT  B 1 8  ? -5.060  -7.155  0.260   1.00 19.93 ? 20  DT  B P     1 
ATOM   386 O  OP1   . DT  B 1 8  ? -5.037  -8.312  -0.681  1.00 20.04 ? 20  DT  B OP1   1 
ATOM   387 O  OP2   . DT  B 1 8  ? -6.187  -6.905  1.173   1.00 22.23 ? 20  DT  B OP2   1 
ATOM   388 O  "O5'" . DT  B 1 8  ? -3.754  -7.199  1.188   1.00 20.35 ? 20  DT  B "O5'" 1 
ATOM   389 C  "C5'" . DT  B 1 8  ? -2.428  -7.310  0.628   1.00 16.27 ? 20  DT  B "C5'" 1 
ATOM   390 C  "C4'" . DT  B 1 8  ? -1.425  -7.208  1.760   1.00 15.68 ? 20  DT  B "C4'" 1 
ATOM   391 O  "O4'" . DT  B 1 8  ? -1.458  -5.827  2.081   1.00 13.43 ? 20  DT  B "O4'" 1 
ATOM   392 C  "C3'" . DT  B 1 8  ? -1.790  -7.902  3.072   1.00 19.80 ? 20  DT  B "C3'" 1 
ATOM   393 O  "O3'" . DT  B 1 8  ? -0.667  -8.406  3.781   1.00 22.46 ? 20  DT  B "O3'" 1 
ATOM   394 C  "C2'" . DT  B 1 8  ? -2.360  -6.784  3.933   1.00 16.99 ? 20  DT  B "C2'" 1 
ATOM   395 C  "C1'" . DT  B 1 8  ? -1.370  -5.732  3.473   1.00 14.13 ? 20  DT  B "C1'" 1 
ATOM   396 N  N1    . DT  B 1 8  ? -1.617  -4.324  3.932   1.00 18.06 ? 20  DT  B N1    1 
ATOM   397 C  C2    . DT  B 1 8  ? -0.536  -3.509  4.259   1.00 15.35 ? 20  DT  B C2    1 
ATOM   398 O  O2    . DT  B 1 8  ? 0.622   -3.925  4.171   1.00 15.33 ? 20  DT  B O2    1 
ATOM   399 N  N3    . DT  B 1 8  ? -0.883  -2.242  4.739   1.00 15.74 ? 20  DT  B N3    1 
ATOM   400 C  C4    . DT  B 1 8  ? -2.172  -1.709  4.818   1.00 18.26 ? 20  DT  B C4    1 
ATOM   401 O  O4    . DT  B 1 8  ? -2.353  -0.538  5.227   1.00 18.50 ? 20  DT  B O4    1 
ATOM   402 C  C5    . DT  B 1 8  ? -3.240  -2.627  4.419   1.00 16.65 ? 20  DT  B C5    1 
ATOM   403 C  C7    . DT  B 1 8  ? -4.711  -2.271  4.472   1.00 15.19 ? 20  DT  B C7    1 
ATOM   404 C  C6    . DT  B 1 8  ? -2.936  -3.856  4.019   1.00 17.01 ? 20  DT  B C6    1 
ATOM   405 P  P     . DC  B 1 9  ? -0.381  -9.976  3.817   1.00 27.37 ? 21  DC  B P     1 
ATOM   406 O  OP1   . DC  B 1 9  ? -0.421  -10.475 2.464   1.00 24.57 ? 21  DC  B OP1   1 
ATOM   407 O  OP2   . DC  B 1 9  ? -1.220  -10.652 4.803   1.00 25.41 ? 21  DC  B OP2   1 
ATOM   408 O  "O5'" . DC  B 1 9  ? 1.157   -9.998  4.363   1.00 24.27 ? 21  DC  B "O5'" 1 
ATOM   409 C  "C5'" . DC  B 1 9  ? 2.161   -9.364  3.577   1.00 21.24 ? 21  DC  B "C5'" 1 
ATOM   410 C  "C4'" . DC  B 1 9  ? 3.043   -8.565  4.509   1.00 17.59 ? 21  DC  B "C4'" 1 
ATOM   411 O  "O4'" . DC  B 1 9  ? 2.409   -7.321  4.898   1.00 19.20 ? 21  DC  B "O4'" 1 
ATOM   412 C  "C3'" . DC  B 1 9  ? 3.393   -9.277  5.800   1.00 22.05 ? 21  DC  B "C3'" 1 
ATOM   413 O  "O3'" . DC  B 1 9  ? 4.815   -9.505  5.739   1.00 24.13 ? 21  DC  B "O3'" 1 
ATOM   414 C  "C2'" . DC  B 1 9  ? 2.916   -8.402  6.944   1.00 20.50 ? 21  DC  B "C2'" 1 
ATOM   415 C  "C1'" . DC  B 1 9  ? 2.720   -7.063  6.282   1.00 17.90 ? 21  DC  B "C1'" 1 
ATOM   416 N  N1    . DC  B 1 9  ? 1.640   -6.163  6.736   1.00 14.46 ? 21  DC  B N1    1 
ATOM   417 C  C2    . DC  B 1 9  ? 1.992   -4.887  7.261   1.00 16.02 ? 21  DC  B C2    1 
ATOM   418 O  O2    . DC  B 1 9  ? 3.198   -4.591  7.433   1.00 14.75 ? 21  DC  B O2    1 
ATOM   419 N  N3    . DC  B 1 9  ? 1.007   -4.034  7.651   1.00 12.88 ? 21  DC  B N3    1 
ATOM   420 C  C4    . DC  B 1 9  ? -0.281  -4.400  7.491   1.00 13.19 ? 21  DC  B C4    1 
ATOM   421 N  N4    . DC  B 1 9  ? -1.223  -3.504  7.798   1.00 9.59  ? 21  DC  B N4    1 
ATOM   422 C  C5    . DC  B 1 9  ? -0.654  -5.686  6.936   1.00 16.40 ? 21  DC  B C5    1 
ATOM   423 C  C6    . DC  B 1 9  ? 0.324   -6.536  6.560   1.00 14.53 ? 21  DC  B C6    1 
ATOM   424 P  P     . DG  B 1 10 ? 5.488   -10.616 6.642   1.00 25.23 ? 22  DG  B P     1 
ATOM   425 O  OP1   . DG  B 1 10 ? 6.838   -10.703 6.037   1.00 25.20 ? 22  DG  B OP1   1 
ATOM   426 O  OP2   . DG  B 1 10 ? 4.654   -11.771 7.100   1.00 20.26 ? 22  DG  B OP2   1 
ATOM   427 O  "O5'" . DG  B 1 10 ? 5.763   -9.895  8.046   1.00 20.02 ? 22  DG  B "O5'" 1 
ATOM   428 C  "C5'" . DG  B 1 10 ? 6.663   -8.759  8.273   1.00 16.43 ? 22  DG  B "C5'" 1 
ATOM   429 C  "C4'" . DG  B 1 10 ? 6.438   -8.288  9.719   1.00 12.90 ? 22  DG  B "C4'" 1 
ATOM   430 O  "O4'" . DG  B 1 10 ? 5.151   -7.604  9.649   1.00 14.36 ? 22  DG  B "O4'" 1 
ATOM   431 C  "C3'" . DG  B 1 10 ? 6.280   -9.389  10.754  1.00 16.87 ? 22  DG  B "C3'" 1 
ATOM   432 O  "O3'" . DG  B 1 10 ? 6.838   -8.955  11.973  1.00 16.45 ? 22  DG  B "O3'" 1 
ATOM   433 C  "C2'" . DG  B 1 10 ? 4.773   -9.494  10.981  1.00 14.10 ? 22  DG  B "C2'" 1 
ATOM   434 C  "C1'" . DG  B 1 10 ? 4.441   -8.006  10.774  1.00 13.14 ? 22  DG  B "C1'" 1 
ATOM   435 N  N9    . DG  B 1 10 ? 3.040   -7.616  10.556  1.00 12.31 ? 22  DG  B N9    1 
ATOM   436 C  C8    . DG  B 1 10 ? 1.997   -8.364  10.056  1.00 13.51 ? 22  DG  B C8    1 
ATOM   437 N  N7    . DG  B 1 10 ? 0.847   -7.742  10.006  1.00 13.69 ? 22  DG  B N7    1 
ATOM   438 C  C5    . DG  B 1 10 ? 1.165   -6.475  10.519  1.00 12.06 ? 22  DG  B C5    1 
ATOM   439 C  C6    . DG  B 1 10 ? 0.329   -5.351  10.729  1.00 12.24 ? 22  DG  B C6    1 
ATOM   440 O  O6    . DG  B 1 10 ? -0.882  -5.313  10.464  1.00 15.80 ? 22  DG  B O6    1 
ATOM   441 N  N1    . DG  B 1 10 ? 1.036   -4.259  11.312  1.00 13.91 ? 22  DG  B N1    1 
ATOM   442 C  C2    . DG  B 1 10 ? 2.382   -4.238  11.628  1.00 10.97 ? 22  DG  B C2    1 
ATOM   443 N  N2    . DG  B 1 10 ? 2.886   -3.114  12.199  1.00 10.62 ? 22  DG  B N2    1 
ATOM   444 N  N3    . DG  B 1 10 ? 3.180   -5.315  11.435  1.00 9.54  ? 22  DG  B N3    1 
ATOM   445 C  C4    . DG  B 1 10 ? 2.510   -6.371  10.863  1.00 12.71 ? 22  DG  B C4    1 
ATOM   446 P  P     . DC  B 1 11 ? 7.456   -9.820  13.113  1.00 17.11 ? 23  DC  B P     1 
ATOM   447 O  OP1   . DC  B 1 11 ? 8.804   -10.117 12.596  1.00 16.94 ? 23  DC  B OP1   1 
ATOM   448 O  OP2   . DC  B 1 11 ? 6.636   -10.917 13.640  1.00 15.47 ? 23  DC  B OP2   1 
ATOM   449 O  "O5'" . DC  B 1 11 ? 7.601   -8.820  14.353  1.00 19.18 ? 23  DC  B "O5'" 1 
ATOM   450 C  "C5'" . DC  B 1 11 ? 8.405   -7.617  14.250  1.00 16.10 ? 23  DC  B "C5'" 1 
ATOM   451 C  "C4'" . DC  B 1 11 ? 7.833   -6.597  15.242  1.00 16.11 ? 23  DC  B "C4'" 1 
ATOM   452 O  "O4'" . DC  B 1 11 ? 6.592   -6.129  14.692  1.00 18.42 ? 23  DC  B "O4'" 1 
ATOM   453 C  "C3'" . DC  B 1 11 ? 7.542   -7.140  16.625  1.00 18.44 ? 23  DC  B "C3'" 1 
ATOM   454 O  "O3'" . DC  B 1 11 ? 8.093   -6.185  17.623  1.00 14.64 ? 23  DC  B "O3'" 1 
ATOM   455 C  "C2'" . DC  B 1 11 ? 5.988   -7.279  16.666  1.00 18.60 ? 23  DC  B "C2'" 1 
ATOM   456 C  "C1'" . DC  B 1 11 ? 5.538   -6.272  15.599  1.00 17.23 ? 23  DC  B "C1'" 1 
ATOM   457 N  N1    . DC  B 1 11 ? 4.231   -6.698  14.987  1.00 16.08 ? 23  DC  B N1    1 
ATOM   458 C  C2    . DC  B 1 11 ? 3.111   -5.815  15.067  1.00 16.19 ? 23  DC  B C2    1 
ATOM   459 O  O2    . DC  B 1 11 ? 3.274   -4.684  15.560  1.00 14.26 ? 23  DC  B O2    1 
ATOM   460 N  N3    . DC  B 1 11 ? 1.871   -6.203  14.570  1.00 13.51 ? 23  DC  B N3    1 
ATOM   461 C  C4    . DC  B 1 11 ? 1.746   -7.439  14.062  1.00 16.64 ? 23  DC  B C4    1 
ATOM   462 N  N4    . DC  B 1 11 ? 0.535   -7.826  13.598  1.00 14.71 ? 23  DC  B N4    1 
ATOM   463 C  C5    . DC  B 1 11 ? 2.858   -8.358  13.986  1.00 13.88 ? 23  DC  B C5    1 
ATOM   464 C  C6    . DC  B 1 11 ? 4.063   -7.958  14.455  1.00 15.44 ? 23  DC  B C6    1 
ATOM   465 P  P     . DG  B 1 12 ? 8.111   -6.673  19.138  1.00 19.55 ? 24  DG  B P     1 
ATOM   466 O  OP1   . DG  B 1 12 ? 9.161   -5.762  19.755  1.00 21.00 ? 24  DG  B OP1   1 
ATOM   467 O  OP2   . DG  B 1 12 ? 8.058   -8.139  19.317  1.00 22.01 ? 24  DG  B OP2   1 
ATOM   468 O  "O5'" . DG  B 1 12 ? 6.675   -6.150  19.685  1.00 19.52 ? 24  DG  B "O5'" 1 
ATOM   469 C  "C5'" . DG  B 1 12 ? 6.302   -4.777  19.460  1.00 16.54 ? 24  DG  B "C5'" 1 
ATOM   470 C  "C4'" . DG  B 1 12 ? 4.789   -4.637  19.646  1.00 16.30 ? 24  DG  B "C4'" 1 
ATOM   471 O  "O4'" . DG  B 1 12 ? 4.065   -5.404  18.677  1.00 15.77 ? 24  DG  B "O4'" 1 
ATOM   472 C  "C3'" . DG  B 1 12 ? 4.158   -5.142  20.922  1.00 17.93 ? 24  DG  B "C3'" 1 
ATOM   473 O  "O3'" . DG  B 1 12 ? 4.297   -4.137  21.935  1.00 14.67 ? 24  DG  B "O3'" 1 
ATOM   474 C  "C2'" . DG  B 1 12 ? 2.652   -5.320  20.545  1.00 15.64 ? 24  DG  B "C2'" 1 
ATOM   475 C  "C1'" . DG  B 1 12 ? 2.695   -5.216  19.023  1.00 15.55 ? 24  DG  B "C1'" 1 
ATOM   476 N  N9    . DG  B 1 12 ? 1.975   -6.270  18.343  1.00 17.45 ? 24  DG  B N9    1 
ATOM   477 C  C8    . DG  B 1 12 ? 2.467   -7.543  18.038  1.00 15.64 ? 24  DG  B C8    1 
ATOM   478 N  N7    . DG  B 1 12 ? 1.567   -8.297  17.460  1.00 14.22 ? 24  DG  B N7    1 
ATOM   479 C  C5    . DG  B 1 12 ? 0.408   -7.495  17.391  1.00 16.22 ? 24  DG  B C5    1 
ATOM   480 C  C6    . DG  B 1 12 ? -0.876  -7.745  16.888  1.00 12.95 ? 24  DG  B C6    1 
ATOM   481 O  O6    . DG  B 1 12 ? -1.300  -8.762  16.359  1.00 18.38 ? 24  DG  B O6    1 
ATOM   482 N  N1    . DG  B 1 12 ? -1.748  -6.696  17.092  1.00 14.50 ? 24  DG  B N1    1 
ATOM   483 C  C2    . DG  B 1 12 ? -1.442  -5.493  17.688  1.00 16.20 ? 24  DG  B C2    1 
ATOM   484 N  N2    . DG  B 1 12 ? -2.411  -4.558  17.783  1.00 15.11 ? 24  DG  B N2    1 
ATOM   485 N  N3    . DG  B 1 12 ? -0.240  -5.229  18.145  1.00 13.06 ? 24  DG  B N3    1 
ATOM   486 C  C4    . DG  B 1 12 ? 0.638   -6.244  17.955  1.00 13.93 ? 24  DG  B C4    1 
HETATM 487 MG MG    . MG  C 2 .  ? -4.847  -7.267  10.913  1.00 35.37 ? 13  MG  A MG    1 
HETATM 488 N  NAA   . 881 D 3 .  ? 1.447   -4.935  1.831   1.00 19.43 ? 1   881 B NAA   1 
HETATM 489 N  NAB   . 881 D 3 .  ? -3.598  0.748   -8.121  1.00 24.58 ? 1   881 B NAB   1 
HETATM 490 C  CAC   . 881 D 3 .  ? 6.070   -6.313  3.317   1.00 20.32 ? 1   881 B CAC   1 
HETATM 491 C  CAD   . 881 D 3 .  ? -5.636  5.197   -8.362  1.00 15.10 ? 1   881 B CAD   1 
HETATM 492 C  CAE   . 881 D 3 .  ? 5.209   -5.378  3.849   1.00 24.79 ? 1   881 B CAE   1 
HETATM 493 C  CAF   . 881 D 3 .  ? -6.139  4.620   -7.188  1.00 16.77 ? 1   881 B CAF   1 
HETATM 494 C  CAG   . 881 D 3 .  ? 5.738   -6.990  2.183   1.00 21.16 ? 1   881 B CAG   1 
HETATM 495 C  CAH   . 881 D 3 .  ? -4.701  4.485   -9.140  1.00 15.27 ? 1   881 B CAH   1 
HETATM 496 C  CAI   . 881 D 3 .  ? 3.973   -5.174  3.214   1.00 22.26 ? 1   881 B CAI   1 
HETATM 497 C  CAJ   . 881 D 3 .  ? -5.736  3.359   -6.766  1.00 14.84 ? 1   881 B CAJ   1 
HETATM 498 C  CAK   . 881 D 3 .  ? 0.731   -4.970  -1.015  1.00 12.83 ? 1   881 B CAK   1 
HETATM 499 C  CAL   . 881 D 3 .  ? -3.387  -0.722  -4.733  1.00 16.14 ? 1   881 B CAL   1 
HETATM 500 C  CAM   . 881 D 3 .  ? -2.779  -6.520  -4.179  1.00 13.34 ? 1   881 B CAM   1 
HETATM 501 C  CAN   . 881 D 3 .  ? -3.601  -5.712  -4.901  1.00 15.82 ? 1   881 B CAN   1 
HETATM 502 C  CAO   . 881 D 3 .  ? -0.319  -4.833  -1.908  1.00 11.11 ? 1   881 B CAO   1 
HETATM 503 C  CAP   . 881 D 3 .  ? -3.036  -2.038  -4.422  1.00 14.57 ? 1   881 B CAP   1 
HETATM 504 C  CAQ   . 881 D 3 .  ? 0.676   -7.282  -1.299  1.00 16.31 ? 1   881 B CAQ   1 
HETATM 505 C  CAR   . 881 D 3 .  ? -5.025  -1.507  -6.276  1.00 17.56 ? 1   881 B CAR   1 
HETATM 506 C  CAS   . 881 D 3 .  ? 0.646   -9.343  -5.144  1.00 29.37 ? 1   881 B CAS   1 
HETATM 507 C  CAT   . 881 D 3 .  ? -1.535  -10.518 -4.783  1.00 30.06 ? 1   881 B CAT   1 
HETATM 508 C  CAU   . 881 D 3 .  ? -8.187  -4.248  -5.743  1.00 14.49 ? 1   881 B CAU   1 
HETATM 509 C  CAV   . 881 D 3 .  ? -7.142  -6.139  -6.996  1.00 13.76 ? 1   881 B CAV   1 
HETATM 510 C  CAW   . 881 D 3 .  ? 0.967   -9.702  -3.678  1.00 28.37 ? 1   881 B CAW   1 
HETATM 511 C  CAX   . 881 D 3 .  ? -1.130  -10.717 -3.288  1.00 29.32 ? 1   881 B CAX   1 
HETATM 512 C  CAY   . 881 D 3 .  ? -7.776  -3.262  -6.836  1.00 18.48 ? 1   881 B CAY   1 
HETATM 513 C  CAZ   . 881 D 3 .  ? -6.757  -5.175  -8.089  1.00 15.14 ? 1   881 B CAZ   1 
HETATM 514 N  NBA   . 881 D 3 .  ? 4.560   -6.772  1.590   1.00 23.29 ? 1   881 B NBA   1 
HETATM 515 N  NBB   . 881 D 3 .  ? -4.349  3.254   -8.730  1.00 19.05 ? 1   881 B NBB   1 
HETATM 516 N  NBC   . 881 D 3 .  ? -0.356  -10.305 -5.673  1.00 32.55 ? 1   881 B NBC   1 
HETATM 517 N  NBD   . 881 D 3 .  ? -8.371  -5.629  -6.318  1.00 17.35 ? 1   881 B NBD   1 
HETATM 518 N  NBE   . 881 D 3 .  ? 2.288   -6.322  0.237   1.00 14.13 ? 1   881 B NBE   1 
HETATM 519 N  NBF   . 881 D 3 .  ? -4.713  0.805   -6.038  1.00 18.80 ? 1   881 B NBF   1 
HETATM 520 O  OBG   . 881 D 3 .  ? -0.918  -8.291  -2.875  1.00 20.86 ? 1   881 B OBG   1 
HETATM 521 O  OBH   . 881 D 3 .  ? -5.364  -3.877  -6.500  1.00 15.62 ? 1   881 B OBH   1 
HETATM 522 O  OBI   . 881 D 3 .  ? -2.212  -4.482  -3.760  1.00 15.54 ? 1   881 B OBI   1 
HETATM 523 C  CBJ   . 881 D 3 .  ? 2.438   -5.728  1.374   1.00 20.10 ? 1   881 B CBJ   1 
HETATM 524 C  CBK   . 881 D 3 .  ? -4.387  1.383   -7.225  1.00 18.97 ? 1   881 B CBK   1 
HETATM 525 C  CBL   . 881 D 3 .  ? 1.237   -6.193  -0.653  1.00 17.37 ? 1   881 B CBL   1 
HETATM 526 C  CBM   . 881 D 3 .  ? -4.380  -0.437  -5.673  1.00 17.97 ? 1   881 B CBM   1 
HETATM 527 C  CBN   . 881 D 3 .  ? 3.649   -5.906  2.066   1.00 22.40 ? 1   881 B CBN   1 
HETATM 528 C  CBO   . 881 D 3 .  ? -4.822  2.673   -7.581  1.00 18.49 ? 1   881 B CBO   1 
HETATM 529 C  CBP   . 881 D 3 .  ? -0.358  -7.193  -2.258  1.00 18.71 ? 1   881 B CBP   1 
HETATM 530 C  CBQ   . 881 D 3 .  ? -4.713  -2.842  -5.943  1.00 15.37 ? 1   881 B CBQ   1 
HETATM 531 C  CBR   . 881 D 3 .  ? -1.919  -5.741  -3.485  1.00 17.39 ? 1   881 B CBR   1 
HETATM 532 C  CBS   . 881 D 3 .  ? -3.273  -4.439  -4.625  1.00 18.16 ? 1   881 B CBS   1 
HETATM 533 C  CBT   . 881 D 3 .  ? -0.872  -5.937  -2.567  1.00 16.73 ? 1   881 B CBT   1 
HETATM 534 C  CBU   . 881 D 3 .  ? -3.702  -3.134  -5.020  1.00 18.37 ? 1   881 B CBU   1 
HETATM 535 C  CBV   . 881 D 3 .  ? -0.255  -9.614  -2.756  1.00 26.31 ? 1   881 B CBV   1 
HETATM 536 C  CBW   . 881 D 3 .  ? -6.476  -3.743  -7.483  1.00 18.45 ? 1   881 B CBW   1 
HETATM 537 O  O     . HOH E 4 .  ? 5.941   2.901   -3.934  1.00 22.78 ? 14  HOH A O     1 
HETATM 538 O  O     . HOH E 4 .  ? -10.633 17.856  -13.172 1.00 31.70 ? 15  HOH A O     1 
HETATM 539 O  O     . HOH E 4 .  ? -10.548 15.740  -14.745 1.00 33.37 ? 16  HOH A O     1 
HETATM 540 O  O     . HOH E 4 .  ? 5.973   -0.379  10.473  1.00 17.19 ? 17  HOH A O     1 
HETATM 541 O  O     . HOH E 4 .  ? 5.742   -2.198  5.861   1.00 23.49 ? 18  HOH A O     1 
HETATM 542 O  O     . HOH E 4 .  ? -4.974  -2.066  8.350   1.00 25.04 ? 19  HOH A O     1 
HETATM 543 O  O     . HOH E 4 .  ? 7.954   1.144   12.175  1.00 19.71 ? 20  HOH A O     1 
HETATM 544 O  O     . HOH E 4 .  ? 12.505  -5.113  0.971   1.00 27.00 ? 21  HOH A O     1 
HETATM 545 O  O     . HOH E 4 .  ? 9.826   3.315   11.740  1.00 23.78 ? 22  HOH A O     1 
HETATM 546 O  O     . HOH E 4 .  ? -7.862  -3.480  -11.097 1.00 22.24 ? 23  HOH A O     1 
HETATM 547 O  O     . HOH E 4 .  ? -6.113  -8.028  12.287  1.00 22.25 ? 24  HOH A O     1 
HETATM 548 O  O     . HOH E 4 .  ? 4.741   4.204   2.863   1.00 26.49 ? 25  HOH A O     1 
HETATM 549 O  O     . HOH E 4 .  ? -3.295  -7.473  12.339  1.00 27.93 ? 26  HOH A O     1 
HETATM 550 O  O     . HOH E 4 .  ? -4.968  -5.190  11.701  1.00 27.77 ? 27  HOH A O     1 
HETATM 551 O  O     . HOH E 4 .  ? -2.136  2.087   -16.263 1.00 30.17 ? 28  HOH A O     1 
HETATM 552 O  O     . HOH E 4 .  ? 5.607   -3.569  -6.779  1.00 37.37 ? 29  HOH A O     1 
HETATM 553 O  O     . HOH E 4 .  ? -9.220  4.912   -8.495  1.00 24.79 ? 30  HOH A O     1 
HETATM 554 O  O     . HOH E 4 .  ? -8.385  2.433   -9.695  1.00 21.29 ? 31  HOH A O     1 
HETATM 555 O  O     . HOH E 4 .  ? -4.573  -11.486 17.979  1.00 39.67 ? 32  HOH A O     1 
HETATM 556 O  O     . HOH E 4 .  ? -9.165  -1.624  -9.912  1.00 20.14 ? 33  HOH A O     1 
HETATM 557 O  O     . HOH E 4 .  ? -8.857  14.036  -14.039 1.00 20.95 ? 35  HOH A O     1 
HETATM 558 O  O     . HOH E 4 .  ? -9.128  7.953   -15.824 1.00 24.62 ? 36  HOH A O     1 
HETATM 559 O  O     . HOH E 4 .  ? -11.542 8.323   -17.399 1.00 23.71 ? 37  HOH A O     1 
HETATM 560 O  O     . HOH E 4 .  ? 4.524   4.359   0.138   1.00 25.22 ? 38  HOH A O     1 
HETATM 561 O  O     . HOH E 4 .  ? -10.380 12.117  -15.106 1.00 18.16 ? 39  HOH A O     1 
HETATM 562 O  O     . HOH E 4 .  ? -4.833  -6.175  -10.724 1.00 23.37 ? 40  HOH A O     1 
HETATM 563 O  O     . HOH E 4 .  ? 4.896   5.889   7.290   1.00 27.21 ? 41  HOH A O     1 
HETATM 564 O  O     . HOH E 4 .  ? 9.658   -7.585  1.791   1.00 36.10 ? 42  HOH A O     1 
HETATM 565 O  O     . HOH E 4 .  ? 7.984   -2.598  -5.136  1.00 34.33 ? 43  HOH A O     1 
HETATM 566 O  O     . HOH E 4 .  ? 0.208   4.864   7.074   1.00 40.53 ? 45  HOH A O     1 
HETATM 567 O  O     . HOH E 4 .  ? 3.973   1.129   -12.261 1.00 33.21 ? 46  HOH A O     1 
HETATM 568 O  O     . HOH E 4 .  ? 7.407   4.872   -1.295  1.00 33.41 ? 47  HOH A O     1 
HETATM 569 O  O     . HOH E 4 .  ? 8.516   8.334   8.859   1.00 36.61 ? 48  HOH A O     1 
HETATM 570 O  O     . HOH E 4 .  ? 10.272  8.382   10.811  1.00 40.81 ? 49  HOH A O     1 
HETATM 571 O  O     . HOH E 4 .  ? 8.746   8.560   6.624   1.00 42.18 ? 50  HOH A O     1 
HETATM 572 O  O     . HOH E 4 .  ? -6.025  6.076   -18.341 1.00 44.38 ? 52  HOH A O     1 
HETATM 573 O  O     . HOH E 4 .  ? 6.173   -0.548  -8.250  1.00 32.32 ? 54  HOH A O     1 
HETATM 574 O  O     . HOH E 4 .  ? 11.843  -4.223  4.064   1.00 39.55 ? 57  HOH A O     1 
HETATM 575 O  O     . HOH E 4 .  ? -5.269  -2.815  10.943  1.00 37.36 ? 59  HOH A O     1 
HETATM 576 O  O     . HOH E 4 .  ? 6.885   -8.680  -0.363  1.00 29.24 ? 62  HOH A O     1 
HETATM 577 O  O     . HOH E 4 .  ? -4.234  -7.397  -8.035  1.00 29.79 ? 63  HOH A O     1 
HETATM 578 O  O     . HOH E 4 .  ? 9.117   -7.681  -1.699  1.00 43.73 ? 66  HOH A O     1 
HETATM 579 O  O     . HOH E 4 .  ? 7.539   -1.751  8.170   1.00 21.56 ? 67  HOH A O     1 
HETATM 580 O  O     . HOH E 4 .  ? -9.749  0.028   -12.206 1.00 34.34 ? 70  HOH A O     1 
HETATM 581 O  O     . HOH E 4 .  ? -7.143  -1.238  7.236   1.00 32.83 ? 71  HOH A O     1 
HETATM 582 O  O     . HOH E 4 .  ? 2.033   4.760   3.450   1.00 30.58 ? 72  HOH A O     1 
HETATM 583 O  O     . HOH E 4 .  ? -11.909 7.725   -13.440 1.00 39.80 ? 78  HOH A O     1 
HETATM 584 O  O     . HOH E 4 .  ? 8.755   2.060   1.509   1.00 39.53 ? 82  HOH A O     1 
HETATM 585 O  O     . HOH E 4 .  ? -8.135  7.719   -19.995 1.00 40.67 ? 86  HOH A O     1 
HETATM 586 O  O     . HOH E 4 .  ? -2.762  6.210   -20.782 1.00 45.98 ? 89  HOH A O     1 
HETATM 587 O  O     . HOH E 4 .  ? -6.152  0.704   11.201  1.00 38.46 ? 90  HOH A O     1 
HETATM 588 O  O     . HOH E 4 .  ? -7.464  0.109   -8.410  1.00 21.39 ? 91  HOH A O     1 
HETATM 589 O  O     . HOH E 4 .  ? -7.980  9.629   -17.388 1.00 25.06 ? 93  HOH A O     1 
HETATM 590 O  O     . HOH E 4 .  ? -3.834  3.134   -20.751 1.00 38.58 ? 96  HOH A O     1 
HETATM 591 O  O     . HOH E 4 .  ? -9.364  -2.181  9.833   1.00 43.98 ? 98  HOH A O     1 
HETATM 592 O  O     . HOH E 4 .  ? -3.063  0.002   8.324   1.00 23.66 ? 103 HOH A O     1 
HETATM 593 O  O     . HOH E 4 .  ? -1.992  2.825   8.778   1.00 33.38 ? 104 HOH A O     1 
HETATM 594 O  O     . HOH E 4 .  ? 8.401   -1.162  -2.660  1.00 15.44 ? 106 HOH A O     1 
HETATM 595 O  O     . HOH E 4 .  ? 8.365   1.458   -3.853  1.00 27.41 ? 107 HOH A O     1 
HETATM 596 O  O     . HOH E 4 .  ? -8.240  6.857   -6.883  1.00 16.09 ? 114 HOH A O     1 
HETATM 597 O  O     . HOH E 4 .  ? -5.771  2.619   -16.703 1.00 32.75 ? 115 HOH A O     1 
HETATM 598 O  O     . HOH E 4 .  ? -5.089  3.823   -19.017 1.00 37.84 ? 116 HOH A O     1 
HETATM 599 O  O     . HOH E 4 .  ? -5.882  5.606   -21.109 1.00 41.61 ? 117 HOH A O     1 
HETATM 600 O  O     . HOH E 4 .  ? -11.776 -3.026  18.893  1.00 48.44 ? 122 HOH A O     1 
HETATM 601 O  O     . HOH E 4 .  ? -10.011 -5.386  18.922  1.00 45.20 ? 123 HOH A O     1 
HETATM 602 O  O     . HOH E 4 .  ? -10.294 -8.118  22.821  1.00 41.62 ? 124 HOH A O     1 
HETATM 603 O  O     . HOH E 4 .  ? -2.277  -6.675  -12.425 1.00 43.42 ? 125 HOH A O     1 
HETATM 604 O  O     . HOH E 4 .  ? -10.605 2.533   -10.815 1.00 45.32 ? 126 HOH A O     1 
HETATM 605 O  O     . HOH F 4 .  ? -2.921  5.953   -6.574  1.00 32.26 ? 3   HOH B O     1 
HETATM 606 O  O     . HOH F 4 .  ? 5.852   -5.113  12.050  1.00 16.43 ? 4   HOH B O     1 
HETATM 607 O  O     . HOH F 4 .  ? 3.954   -8.414  -0.879  1.00 26.93 ? 5   HOH B O     1 
HETATM 608 O  O     . HOH F 4 .  ? -1.256  -9.300  9.336   1.00 21.60 ? 6   HOH B O     1 
HETATM 609 O  O     . HOH F 4 .  ? -8.686  -5.731  0.198   1.00 30.38 ? 7   HOH B O     1 
HETATM 610 O  O     . HOH F 4 .  ? -8.944  -5.465  -2.049  1.00 12.40 ? 8   HOH B O     1 
HETATM 611 O  O     . HOH F 4 .  ? -2.428  5.581   1.024   1.00 28.34 ? 9   HOH B O     1 
HETATM 612 O  O     . HOH F 4 .  ? -8.607  0.522   -6.112  1.00 28.28 ? 11  HOH B O     1 
HETATM 613 O  O     . HOH F 4 .  ? 8.095   -6.130  6.469   1.00 36.41 ? 12  HOH B O     1 
HETATM 614 O  O     . HOH F 4 .  ? 2.426   -11.298 8.622   1.00 22.39 ? 25  HOH B O     1 
HETATM 615 O  O     . HOH F 4 .  ? -10.192 -1.554  -4.432  1.00 24.13 ? 26  HOH B O     1 
HETATM 616 O  O     . HOH F 4 .  ? -3.193  -6.376  9.576   1.00 16.49 ? 27  HOH B O     1 
HETATM 617 O  O     . HOH F 4 .  ? -3.839  -4.523  7.701   1.00 19.64 ? 28  HOH B O     1 
HETATM 618 O  O     . HOH F 4 .  ? -10.080 0.974   -0.090  1.00 24.27 ? 29  HOH B O     1 
HETATM 619 O  O     . HOH F 4 .  ? 0.447   5.885   0.865   1.00 37.70 ? 30  HOH B O     1 
HETATM 620 O  O     . HOH F 4 .  ? -4.472  -8.515  6.909   1.00 27.74 ? 31  HOH B O     1 
HETATM 621 O  O     . HOH F 4 .  ? 5.222   2.958   -13.715 1.00 38.00 ? 32  HOH B O     1 
HETATM 622 O  O     . HOH F 4 .  ? -2.226  3.544   3.757   1.00 19.50 ? 33  HOH B O     1 
HETATM 623 O  O     . HOH F 4 .  ? -7.170  11.483  -1.910  1.00 30.28 ? 34  HOH B O     1 
HETATM 624 O  O     . HOH F 4 .  ? 0.653   -10.682 12.825  1.00 21.98 ? 35  HOH B O     1 
HETATM 625 O  O     . HOH F 4 .  ? -6.941  -6.232  -2.904  1.00 22.40 ? 36  HOH B O     1 
HETATM 626 O  O     . HOH F 4 .  ? -7.065  -1.419  1.366   1.00 32.03 ? 37  HOH B O     1 
HETATM 627 O  O     . HOH F 4 .  ? -5.904  -7.257  9.271   1.00 37.55 ? 38  HOH B O     1 
HETATM 628 O  O     . HOH F 4 .  ? -4.015  -8.949  9.771   1.00 38.45 ? 39  HOH B O     1 
HETATM 629 O  O     . HOH F 4 .  ? -0.977  -9.586  -8.002  1.00 32.85 ? 40  HOH B O     1 
HETATM 630 O  O     . HOH F 4 .  ? -4.145  1.074   6.172   1.00 41.86 ? 41  HOH B O     1 
HETATM 631 O  O     . HOH F 4 .  ? 2.230   -11.062 16.939  1.00 35.76 ? 42  HOH B O     1 
HETATM 632 O  O     . HOH F 4 .  ? 6.212   4.510   -6.389  1.00 34.35 ? 43  HOH B O     1 
HETATM 633 O  O     . HOH F 4 .  ? 0.986   1.058   -15.956 1.00 37.47 ? 44  HOH B O     1 
HETATM 634 O  O     . HOH F 4 .  ? 2.441   -10.617 -0.021  1.00 34.45 ? 45  HOH B O     1 
HETATM 635 O  O     . HOH F 4 .  ? -6.354  3.952   0.820   1.00 31.54 ? 46  HOH B O     1 
HETATM 636 O  O     . HOH F 4 .  ? -7.733  -3.851  2.791   1.00 30.26 ? 47  HOH B O     1 
HETATM 637 O  O     . HOH F 4 .  ? 3.167   10.091  -1.686  1.00 41.02 ? 48  HOH B O     1 
HETATM 638 O  O     . HOH F 4 .  ? 2.019   15.481  -6.306  1.00 29.27 ? 49  HOH B O     1 
HETATM 639 O  O     . HOH F 4 .  ? 7.839   6.423   -6.999  1.00 44.20 ? 50  HOH B O     1 
HETATM 640 O  O     . HOH F 4 .  ? -11.572 2.486   -2.948  1.00 36.69 ? 51  HOH B O     1 
HETATM 641 O  O     . HOH F 4 .  ? -13.409 0.866   -0.391  1.00 36.42 ? 52  HOH B O     1 
HETATM 642 O  O     . HOH F 4 .  ? 6.685   7.525   -21.705 1.00 49.36 ? 53  HOH B O     1 
HETATM 643 O  O     . HOH F 4 .  ? -2.213  -8.826  6.732   1.00 24.12 ? 54  HOH B O     1 
HETATM 644 O  O     . HOH F 4 .  ? -4.247  7.715   0.426   1.00 39.00 ? 55  HOH B O     1 
HETATM 645 O  O     . HOH F 4 .  ? 7.280   3.510   -10.133 1.00 32.13 ? 56  HOH B O     1 
HETATM 646 O  O     . HOH F 4 .  ? 2.777   2.444   -14.729 1.00 32.95 ? 57  HOH B O     1 
HETATM 647 O  O     . HOH F 4 .  ? 10.633  7.877   -20.924 1.00 41.76 ? 58  HOH B O     1 
HETATM 648 O  O     . HOH F 4 .  ? 5.688   -5.344  7.664   1.00 27.18 ? 59  HOH B O     1 
HETATM 649 O  O     . HOH F 4 .  ? -4.190  12.294  -5.358  1.00 35.26 ? 60  HOH B O     1 
HETATM 650 O  O     . HOH F 4 .  ? 10.442  -8.474  11.160  1.00 21.09 ? 61  HOH B O     1 
HETATM 651 O  O     . HOH F 4 .  ? -7.114  8.012   0.150   1.00 41.82 ? 64  HOH B O     1 
HETATM 652 O  O     . HOH F 4 .  ? -1.204  -12.820 -0.542  1.00 44.30 ? 68  HOH B O     1 
HETATM 653 O  O     . HOH F 4 .  ? 9.044   7.387   -9.632  1.00 48.25 ? 73  HOH B O     1 
HETATM 654 O  O     . HOH F 4 .  ? -3.546  -12.477 6.550   1.00 44.23 ? 74  HOH B O     1 
HETATM 655 O  O     . HOH F 4 .  ? 10.479  -9.265  19.365  1.00 26.86 ? 75  HOH B O     1 
HETATM 656 O  O     . HOH F 4 .  ? -2.338  -9.339  14.224  1.00 33.05 ? 77  HOH B O     1 
HETATM 657 O  O     . HOH F 4 .  ? 10.700  -9.318  8.614   1.00 24.92 ? 80  HOH B O     1 
HETATM 658 O  O     . HOH F 4 .  ? -8.529  -2.527  5.410   1.00 36.71 ? 81  HOH B O     1 
HETATM 659 O  O     . HOH F 4 .  ? -7.955  0.471   3.066   1.00 31.94 ? 84  HOH B O     1 
HETATM 660 O  O     . HOH F 4 .  ? 6.668   9.358   -5.444  1.00 44.16 ? 85  HOH B O     1 
HETATM 661 O  O     . HOH F 4 .  ? 10.515  -11.082 14.341  1.00 36.28 ? 87  HOH B O     1 
HETATM 662 O  O     . HOH F 4 .  ? -5.911  -6.757  5.983   1.00 34.57 ? 92  HOH B O     1 
HETATM 663 O  O     . HOH F 4 .  ? 8.048   8.445   -23.521 1.00 35.76 ? 94  HOH B O     1 
HETATM 664 O  O     . HOH F 4 .  ? 8.494   -11.960 16.098  1.00 41.72 ? 97  HOH B O     1 
HETATM 665 O  O     . HOH F 4 .  ? -5.837  -5.494  3.367   1.00 22.84 ? 102 HOH B O     1 
HETATM 666 O  O     . HOH F 4 .  ? -10.073 2.905   -5.963  1.00 36.97 ? 109 HOH B O     1 
HETATM 667 O  O     . HOH F 4 .  ? -11.443 3.876   -1.218  1.00 37.12 ? 110 HOH B O     1 
HETATM 668 O  O     . HOH F 4 .  ? 4.109   -12.387 3.477   1.00 32.56 ? 111 HOH B O     1 
HETATM 669 O  O     . HOH F 4 .  ? 7.221   -10.939 2.723   1.00 45.74 ? 112 HOH B O     1 
HETATM 670 O  O     . HOH F 4 .  ? 7.246   -4.561  9.398   1.00 34.04 ? 113 HOH B O     1 
HETATM 671 O  O     . HOH F 4 .  ? 3.082   -13.913 5.353   1.00 49.11 ? 119 HOH B O     1 
HETATM 672 O  O     . HOH F 4 .  ? 2.011   -12.155 10.714  1.00 38.01 ? 121 HOH B O     1 
# 
